data_4ACS
#
_entry.id   4ACS
#
_cell.length_a   48.660
_cell.length_b   94.800
_cell.length_c   113.720
_cell.angle_alpha   90.00
_cell.angle_beta   92.77
_cell.angle_gamma   90.00
#
_symmetry.space_group_name_H-M   'P 1 21 1'
#
loop_
_entity.id
_entity.type
_entity.pdbx_description
1 polymer 'GLUTATHIONE S-TRANSFERASE A2'
2 non-polymer GLUTATHIONE
3 water water
#
_entity_poly.entity_id   1
_entity_poly.type   'polypeptide(L)'
_entity_poly.pdbx_seq_one_letter_code
;MAEKPKLHYSNIRGRMESIRWLLAAAGVEFEEKFIKSAEDLDKLRNDGYLMFQQVPMVEIDGMKLVQTRAILNYIASKYN
LYGKDIKEKALIDMYIEGIADLGEMIGDLSFSQPEEQDAKLALIQEKTKNRYFPAFEKVLKSHGQDYLVGNKLSRADIHL
VELLYYVEELDSSLISSFPLLKALKTRISNLPTVKKFLQPGSPRKPPMDEKSLEESRKIFRH
;
_entity_poly.pdbx_strand_id   A,B,C,D
#
loop_
_chem_comp.id
_chem_comp.type
_chem_comp.name
_chem_comp.formula
GSH non-polymer GLUTATHIONE 'C10 H17 N3 O6 S'
#
# COMPACT_ATOMS: atom_id res chain seq x y z
N LYS A 4 3.27 -3.36 23.49
CA LYS A 4 2.68 -2.66 22.32
C LYS A 4 1.87 -1.51 22.87
N PRO A 5 2.18 -0.27 22.42
CA PRO A 5 1.25 0.79 22.72
C PRO A 5 -0.07 0.54 21.95
N LYS A 6 -1.19 1.01 22.48
CA LYS A 6 -2.46 0.58 21.91
C LYS A 6 -3.26 1.72 21.33
N LEU A 7 -3.77 1.54 20.11
CA LEU A 7 -4.37 2.62 19.34
C LEU A 7 -5.89 2.50 19.26
N HIS A 8 -6.54 3.45 19.92
CA HIS A 8 -7.99 3.49 20.04
C HIS A 8 -8.59 4.49 19.10
N TYR A 9 -9.35 4.00 18.13
CA TYR A 9 -9.92 4.82 17.08
C TYR A 9 -10.69 3.96 16.07
N SER A 10 -11.59 4.57 15.33
CA SER A 10 -12.21 3.90 14.20
C SER A 10 -11.15 3.51 13.14
N ASN A 11 -11.58 2.71 12.17
CA ASN A 11 -10.69 2.15 11.18
C ASN A 11 -10.56 3.12 10.00
N ILE A 12 -10.09 4.34 10.29
CA ILE A 12 -9.95 5.41 9.31
C ILE A 12 -8.64 6.20 9.52
N ARG A 13 -8.20 6.96 8.50
CA ARG A 13 -7.06 7.84 8.66
C ARG A 13 -7.33 8.77 9.83
N GLY A 14 -8.25 9.70 9.66
CA GLY A 14 -8.71 10.56 10.75
C GLY A 14 -7.58 11.22 11.48
N ARG A 15 -7.76 11.44 12.77
CA ARG A 15 -6.76 12.14 13.56
C ARG A 15 -5.67 11.18 14.07
N MET A 16 -5.97 9.89 13.98
CA MET A 16 -5.08 8.86 14.43
C MET A 16 -3.97 8.61 13.46
N GLU A 17 -4.13 9.00 12.20
CA GLU A 17 -3.18 8.55 11.14
C GLU A 17 -1.72 9.10 11.30
N SER A 18 -1.57 10.30 11.86
CA SER A 18 -0.26 10.86 11.96
C SER A 18 0.56 10.16 13.02
N ILE A 19 -0.12 9.63 14.03
CA ILE A 19 0.46 8.75 15.02
C ILE A 19 0.83 7.39 14.38
N ARG A 20 -0.01 6.84 13.50
CA ARG A 20 0.38 5.57 12.84
C ARG A 20 1.69 5.69 12.09
N TRP A 21 1.83 6.76 11.31
CA TRP A 21 3.06 7.14 10.62
C TRP A 21 4.29 7.25 11.50
N LEU A 22 4.17 7.94 12.65
CA LEU A 22 5.33 8.28 13.49
C LEU A 22 5.90 7.04 14.16
N LEU A 23 5.00 6.20 14.65
CA LEU A 23 5.46 5.02 15.36
C LEU A 23 6.08 4.03 14.39
N ALA A 24 5.54 3.93 13.20
CA ALA A 24 6.14 3.03 12.22
C ALA A 24 7.54 3.48 11.82
N ALA A 25 7.73 4.79 11.75
CA ALA A 25 9.02 5.35 11.34
C ALA A 25 10.06 5.18 12.44
N ALA A 26 9.61 5.19 13.71
CA ALA A 26 10.43 4.84 14.91
C ALA A 26 10.71 3.33 15.12
N GLY A 27 10.18 2.49 14.23
CA GLY A 27 10.33 1.05 14.36
C GLY A 27 9.43 0.38 15.40
N VAL A 28 8.39 1.07 15.83
CA VAL A 28 7.62 0.58 16.96
C VAL A 28 6.37 -0.15 16.50
N GLU A 29 6.28 -1.44 16.82
CA GLU A 29 5.07 -2.20 16.60
C GLU A 29 4.01 -1.73 17.60
N PHE A 30 2.81 -1.55 17.10
CA PHE A 30 1.72 -1.13 17.94
C PHE A 30 0.52 -1.99 17.67
N GLU A 31 -0.51 -1.76 18.47
CA GLU A 31 -1.71 -2.56 18.39
C GLU A 31 -2.87 -1.60 18.19
N GLU A 32 -3.87 -2.03 17.44
CA GLU A 32 -5.06 -1.20 17.24
C GLU A 32 -6.32 -1.84 17.75
N LYS A 33 -7.11 -1.04 18.46
CA LYS A 33 -8.42 -1.49 18.87
C LYS A 33 -9.49 -0.54 18.30
N PHE A 34 -10.13 -1.03 17.24
CA PHE A 34 -11.02 -0.24 16.39
C PHE A 34 -12.35 -0.06 17.03
N ILE A 35 -12.70 1.20 17.32
CA ILE A 35 -14.04 1.56 17.67
C ILE A 35 -14.90 1.19 16.44
N LYS A 36 -16.07 0.57 16.65
CA LYS A 36 -16.98 0.19 15.57
C LYS A 36 -18.38 0.79 15.66
N SER A 37 -18.76 1.29 16.83
CA SER A 37 -20.09 1.85 17.04
C SER A 37 -19.98 2.95 18.06
N ALA A 38 -21.00 3.80 18.15
CA ALA A 38 -21.05 4.80 19.23
C ALA A 38 -20.96 4.11 20.59
N GLU A 39 -21.37 2.84 20.65
CA GLU A 39 -21.37 2.05 21.88
C GLU A 39 -19.94 1.74 22.31
N ASP A 40 -19.17 1.09 21.43
CA ASP A 40 -17.75 0.93 21.73
C ASP A 40 -17.13 2.24 22.23
N LEU A 41 -17.53 3.36 21.65
CA LEU A 41 -16.97 4.65 22.02
C LEU A 41 -17.47 5.06 23.38
N ASP A 42 -18.77 5.08 23.57
CA ASP A 42 -19.36 5.23 24.89
C ASP A 42 -18.69 4.34 25.97
N LYS A 43 -18.36 3.10 25.59
CA LYS A 43 -17.66 2.19 26.53
C LYS A 43 -16.36 2.81 27.01
N LEU A 44 -15.56 3.35 26.08
CA LEU A 44 -14.31 4.02 26.42
C LEU A 44 -14.50 5.20 27.36
N ARG A 45 -15.54 5.98 27.13
CA ARG A 45 -15.84 7.10 28.00
C ARG A 45 -16.22 6.65 29.40
N ASN A 46 -17.09 5.65 29.48
CA ASN A 46 -17.62 5.18 30.78
C ASN A 46 -16.60 4.46 31.67
N ASP A 47 -15.77 3.62 31.05
CA ASP A 47 -14.57 3.05 31.66
C ASP A 47 -13.60 4.13 32.24
N GLY A 48 -13.77 5.40 31.85
CA GLY A 48 -12.89 6.50 32.32
C GLY A 48 -11.53 6.64 31.65
N TYR A 49 -11.42 6.11 30.43
CA TYR A 49 -10.18 6.02 29.65
C TYR A 49 -9.89 7.29 28.86
N LEU A 50 -10.88 8.15 28.74
CA LEU A 50 -10.77 9.30 27.85
C LEU A 50 -10.87 10.61 28.67
N MET A 51 -9.77 11.33 28.85
CA MET A 51 -9.77 12.48 29.74
C MET A 51 -10.88 13.46 29.36
N PHE A 52 -11.09 13.60 28.04
CA PHE A 52 -11.93 14.60 27.39
C PHE A 52 -13.06 13.96 26.55
N GLN A 53 -13.24 12.65 26.72
CA GLN A 53 -14.38 11.93 26.16
C GLN A 53 -14.24 11.80 24.65
N GLN A 54 -13.00 11.91 24.19
CA GLN A 54 -12.67 11.96 22.76
C GLN A 54 -11.59 10.95 22.44
N VAL A 55 -11.51 10.53 21.18
CA VAL A 55 -10.33 9.80 20.66
C VAL A 55 -9.62 10.70 19.59
N PRO A 56 -8.37 10.39 19.18
CA PRO A 56 -7.45 9.29 19.46
C PRO A 56 -7.07 9.17 20.92
N MET A 57 -6.76 7.94 21.33
CA MET A 57 -6.21 7.66 22.63
C MET A 57 -5.16 6.59 22.42
N VAL A 58 -4.01 6.77 23.10
CA VAL A 58 -2.96 5.75 23.08
C VAL A 58 -2.45 5.39 24.48
N GLU A 59 -2.43 4.09 24.73
CA GLU A 59 -1.94 3.54 25.97
C GLU A 59 -0.47 3.28 25.74
N ILE A 60 0.36 4.13 26.29
CA ILE A 60 1.79 3.90 26.21
C ILE A 60 2.42 4.26 27.54
N ASP A 61 3.27 3.35 28.02
CA ASP A 61 4.19 3.58 29.15
C ASP A 61 3.39 4.01 30.35
N GLY A 62 2.36 3.24 30.67
CA GLY A 62 1.54 3.52 31.85
C GLY A 62 0.40 4.51 31.73
N MET A 63 0.42 5.33 30.68
CA MET A 63 -0.50 6.47 30.57
C MET A 63 -1.54 6.16 29.53
N LYS A 64 -2.75 6.65 29.75
CA LYS A 64 -3.78 6.66 28.70
C LYS A 64 -3.75 8.06 28.07
N LEU A 65 -3.05 8.19 26.94
CA LEU A 65 -2.81 9.52 26.41
C LEU A 65 -3.89 9.95 25.46
N VAL A 66 -4.52 11.06 25.77
CA VAL A 66 -5.30 11.75 24.78
C VAL A 66 -4.69 13.06 24.22
N GLN A 67 -5.36 13.59 23.21
CA GLN A 67 -4.94 14.68 22.33
C GLN A 67 -3.80 14.28 21.39
N THR A 68 -4.08 14.42 20.08
CA THR A 68 -3.19 14.02 19.01
C THR A 68 -1.77 14.54 19.20
N ARG A 69 -1.65 15.85 19.44
CA ARG A 69 -0.38 16.51 19.61
C ARG A 69 0.38 15.93 20.79
N ALA A 70 -0.33 15.65 21.89
CA ALA A 70 0.30 15.15 23.13
C ALA A 70 0.93 13.81 22.92
N ILE A 71 0.22 12.97 22.19
CA ILE A 71 0.66 11.63 21.86
C ILE A 71 1.90 11.70 20.97
N LEU A 72 1.80 12.53 19.93
CA LEU A 72 2.89 12.78 18.96
C LEU A 72 4.14 13.36 19.62
N ASN A 73 3.98 14.39 20.43
CA ASN A 73 5.07 14.91 21.26
C ASN A 73 5.81 13.85 22.04
N TYR A 74 5.04 13.05 22.80
CA TYR A 74 5.62 12.01 23.64
C TYR A 74 6.38 11.01 22.80
N ILE A 75 5.76 10.50 21.75
CA ILE A 75 6.44 9.46 20.98
C ILE A 75 7.72 10.02 20.33
N ALA A 76 7.65 11.26 19.87
CA ALA A 76 8.79 11.90 19.21
C ALA A 76 9.96 12.12 20.15
N SER A 77 9.69 12.59 21.36
CA SER A 77 10.75 12.67 22.34
C SER A 77 11.29 11.26 22.71
N LYS A 78 10.41 10.30 22.99
CA LYS A 78 10.85 8.97 23.38
C LYS A 78 11.85 8.34 22.37
N TYR A 79 11.75 8.68 21.10
CA TYR A 79 12.63 8.07 20.11
C TYR A 79 13.46 9.07 19.31
N ASN A 80 13.76 10.20 19.97
CA ASN A 80 14.66 11.21 19.45
C ASN A 80 14.29 11.65 18.04
N LEU A 81 13.01 11.93 17.85
CA LEU A 81 12.50 12.48 16.59
C LEU A 81 11.94 13.85 16.89
N TYR A 82 12.40 14.45 17.97
CA TYR A 82 11.97 15.79 18.34
C TYR A 82 13.18 16.73 18.48
N GLY A 83 14.29 16.38 17.82
CA GLY A 83 15.48 17.27 17.77
C GLY A 83 16.37 17.09 18.98
N LYS A 84 17.37 17.96 19.17
CA LYS A 84 18.34 17.74 20.26
C LYS A 84 18.49 18.91 21.24
N ASP A 85 17.88 20.05 20.95
CA ASP A 85 17.88 21.18 21.88
C ASP A 85 16.60 21.97 21.71
N ILE A 86 16.48 23.06 22.47
CA ILE A 86 15.24 23.81 22.59
C ILE A 86 15.01 24.60 21.30
N LYS A 87 16.11 24.99 20.66
CA LYS A 87 16.09 25.69 19.39
C LYS A 87 15.67 24.78 18.21
N GLU A 88 16.17 23.55 18.14
CA GLU A 88 15.72 22.63 17.09
C GLU A 88 14.23 22.22 17.19
N LYS A 89 13.74 21.99 18.42
CA LYS A 89 12.28 21.95 18.66
C LYS A 89 11.55 23.17 18.09
N ALA A 90 12.13 24.36 18.17
CA ALA A 90 11.45 25.54 17.64
C ALA A 90 11.18 25.39 16.14
N LEU A 91 12.20 24.98 15.40
CA LEU A 91 12.06 24.75 13.97
C LEU A 91 11.15 23.56 13.62
N ILE A 92 11.31 22.42 14.29
CA ILE A 92 10.41 21.28 14.05
C ILE A 92 8.91 21.68 14.28
N ASP A 93 8.61 22.24 15.45
CA ASP A 93 7.28 22.83 15.76
C ASP A 93 6.71 23.85 14.75
N MET A 94 7.56 24.70 14.18
CA MET A 94 7.14 25.70 13.18
C MET A 94 6.69 24.95 11.95
N TYR A 95 7.56 24.06 11.47
CA TYR A 95 7.31 23.30 10.26
C TYR A 95 6.09 22.40 10.38
N ILE A 96 5.93 21.73 11.51
CA ILE A 96 4.88 20.74 11.64
C ILE A 96 3.50 21.33 11.91
N GLU A 97 3.46 22.44 12.64
CA GLU A 97 2.22 23.19 12.77
C GLU A 97 1.84 23.73 11.38
N GLY A 98 2.83 24.00 10.57
CA GLY A 98 2.58 24.40 9.20
C GLY A 98 1.94 23.22 8.51
N ILE A 99 2.54 22.04 8.72
CA ILE A 99 2.03 20.78 8.10
C ILE A 99 0.62 20.42 8.56
N ALA A 100 0.35 20.49 9.85
CA ALA A 100 -0.98 20.21 10.39
C ALA A 100 -2.08 21.09 9.78
N ASP A 101 -1.71 22.33 9.41
CA ASP A 101 -2.64 23.34 8.90
C ASP A 101 -3.13 22.97 7.51
N LEU A 102 -2.22 22.65 6.61
CA LEU A 102 -2.62 22.10 5.34
C LEU A 102 -3.38 20.77 5.55
N GLY A 103 -3.17 20.12 6.68
CA GLY A 103 -3.79 18.81 6.90
C GLY A 103 -5.29 18.93 7.13
N GLU A 104 -5.63 19.94 7.93
CA GLU A 104 -6.98 20.23 8.36
C GLU A 104 -7.83 20.51 7.15
N MET A 105 -7.29 21.25 6.17
CA MET A 105 -8.02 21.51 4.94
C MET A 105 -8.26 20.20 4.21
N ILE A 106 -7.23 19.37 4.09
CA ILE A 106 -7.36 18.10 3.37
C ILE A 106 -8.41 17.14 3.98
N GLY A 107 -8.48 17.10 5.29
CA GLY A 107 -9.43 16.22 5.98
C GLY A 107 -10.84 16.75 5.82
N ASP A 108 -10.99 18.06 6.06
CA ASP A 108 -12.23 18.77 5.83
C ASP A 108 -12.87 18.47 4.46
N LEU A 109 -12.10 18.60 3.38
CA LEU A 109 -12.57 18.29 2.02
C LEU A 109 -13.12 16.85 1.83
N SER A 110 -12.39 15.86 2.35
CA SER A 110 -12.87 14.49 2.38
C SER A 110 -14.14 14.24 3.22
N PHE A 111 -14.52 15.23 4.05
CA PHE A 111 -15.73 15.20 4.88
C PHE A 111 -16.84 16.18 4.42
N SER A 112 -16.51 17.07 3.48
CA SER A 112 -17.50 18.00 2.87
C SER A 112 -18.48 17.32 1.91
N GLN A 113 -19.63 17.97 1.70
CA GLN A 113 -20.61 17.47 0.73
C GLN A 113 -20.20 17.70 -0.73
N PRO A 114 -20.72 16.87 -1.69
CA PRO A 114 -20.25 16.93 -3.09
C PRO A 114 -20.21 18.35 -3.63
N GLU A 115 -21.12 19.14 -3.08
CA GLU A 115 -21.45 20.50 -3.48
C GLU A 115 -20.33 21.46 -3.18
N GLU A 116 -19.69 21.33 -2.02
CA GLU A 116 -18.66 22.27 -1.58
C GLU A 116 -17.27 21.82 -1.96
N GLN A 117 -17.16 20.66 -2.61
CA GLN A 117 -15.87 20.02 -2.83
C GLN A 117 -14.92 20.72 -3.83
N ASP A 118 -15.49 21.36 -4.85
CA ASP A 118 -14.72 22.05 -5.87
C ASP A 118 -14.04 23.28 -5.34
N ALA A 119 -14.81 24.09 -4.62
CA ALA A 119 -14.33 25.33 -4.05
C ALA A 119 -13.16 25.05 -3.12
N LYS A 120 -13.33 24.02 -2.28
CA LYS A 120 -12.36 23.71 -1.24
C LYS A 120 -11.06 23.08 -1.76
N LEU A 121 -11.14 22.22 -2.77
CA LEU A 121 -9.92 21.70 -3.41
C LEU A 121 -9.17 22.80 -4.18
N ALA A 122 -9.91 23.64 -4.90
CA ALA A 122 -9.26 24.83 -5.49
C ALA A 122 -8.56 25.65 -4.43
N LEU A 123 -9.11 25.73 -3.22
CA LEU A 123 -8.38 26.45 -2.16
C LEU A 123 -7.13 25.72 -1.66
N ILE A 124 -7.16 24.37 -1.61
CA ILE A 124 -5.99 23.55 -1.25
C ILE A 124 -4.88 23.67 -2.31
N GLN A 125 -5.24 23.42 -3.57
CA GLN A 125 -4.33 23.62 -4.72
C GLN A 125 -3.61 24.97 -4.69
N GLU A 126 -4.37 26.03 -4.41
CA GLU A 126 -3.85 27.37 -4.34
C GLU A 126 -2.79 27.54 -3.20
N LYS A 127 -3.17 27.19 -1.97
CA LYS A 127 -2.28 27.32 -0.80
C LYS A 127 -1.07 26.40 -0.84
N THR A 128 -1.21 25.20 -1.41
CA THR A 128 -0.11 24.26 -1.57
C THR A 128 1.06 24.82 -2.40
N LYS A 129 0.74 25.28 -3.61
CA LYS A 129 1.70 25.79 -4.59
C LYS A 129 2.25 27.15 -4.21
N ASN A 130 1.42 28.00 -3.62
CA ASN A 130 1.83 29.37 -3.35
C ASN A 130 2.33 29.60 -1.92
N ARG A 131 1.83 28.82 -0.95
CA ARG A 131 2.12 29.08 0.47
C ARG A 131 3.00 28.04 1.19
N TYR A 132 2.61 26.78 1.08
CA TYR A 132 3.22 25.75 1.90
C TYR A 132 4.44 25.13 1.21
N PHE A 133 4.30 24.76 -0.06
CA PHE A 133 5.42 24.07 -0.72
C PHE A 133 6.68 24.93 -0.92
N PRO A 134 6.53 26.20 -1.38
CA PRO A 134 7.68 27.12 -1.43
C PRO A 134 8.44 27.24 -0.11
N ALA A 135 7.68 27.34 1.01
CA ALA A 135 8.26 27.49 2.33
C ALA A 135 9.11 26.29 2.70
N PHE A 136 8.65 25.09 2.36
CA PHE A 136 9.40 23.89 2.75
C PHE A 136 10.55 23.65 1.80
N GLU A 137 10.32 23.98 0.53
CA GLU A 137 11.38 24.01 -0.48
C GLU A 137 12.52 24.99 -0.09
N LYS A 138 12.17 26.17 0.40
CA LYS A 138 13.14 27.16 0.93
C LYS A 138 14.03 26.65 2.07
N VAL A 139 13.43 26.05 3.10
CA VAL A 139 14.18 25.43 4.20
C VAL A 139 15.24 24.48 3.68
N LEU A 140 14.83 23.51 2.87
CA LEU A 140 15.71 22.53 2.28
C LEU A 140 16.88 23.13 1.51
N LYS A 141 16.61 24.16 0.71
CA LYS A 141 17.70 24.82 -0.03
C LYS A 141 18.68 25.56 0.88
N SER A 142 18.18 26.28 1.88
CA SER A 142 19.03 27.08 2.80
C SER A 142 20.24 26.31 3.33
N HIS A 143 20.09 24.98 3.39
CA HIS A 143 21.17 24.13 3.87
C HIS A 143 21.53 22.92 3.05
N GLY A 144 20.75 22.60 2.01
CA GLY A 144 21.02 21.41 1.17
C GLY A 144 21.20 20.09 1.92
N GLN A 145 20.84 20.07 3.20
CA GLN A 145 20.98 18.86 4.01
C GLN A 145 19.80 17.94 3.78
N ASP A 146 19.94 16.67 4.12
CA ASP A 146 18.97 15.67 3.65
C ASP A 146 17.69 15.63 4.47
N TYR A 147 17.68 16.32 5.63
CA TYR A 147 16.53 16.37 6.55
C TYR A 147 16.14 17.81 6.88
N LEU A 148 14.99 18.00 7.51
CA LEU A 148 14.49 19.34 7.75
C LEU A 148 15.33 20.06 8.78
N VAL A 149 15.63 19.36 9.89
CA VAL A 149 16.27 19.96 11.09
C VAL A 149 17.46 19.14 11.62
N GLY A 150 18.54 19.83 12.03
CA GLY A 150 19.72 19.23 12.65
C GLY A 150 20.43 18.14 11.86
N ASN A 151 20.13 18.05 10.57
CA ASN A 151 20.77 17.06 9.68
C ASN A 151 20.59 15.62 10.13
N LYS A 152 19.46 15.39 10.79
CA LYS A 152 19.16 14.10 11.38
C LYS A 152 17.62 13.93 11.38
N LEU A 153 17.16 12.70 11.17
CA LEU A 153 15.73 12.37 11.08
C LEU A 153 14.95 12.97 12.23
N SER A 154 13.90 13.71 11.93
CA SER A 154 13.00 14.16 12.98
C SER A 154 11.54 13.86 12.60
N ARG A 155 10.62 14.33 13.44
CA ARG A 155 9.20 14.18 13.12
C ARG A 155 8.79 15.07 11.94
N ALA A 156 9.49 16.18 11.72
CA ALA A 156 9.03 17.12 10.71
C ALA A 156 9.12 16.53 9.32
N ASP A 157 10.13 15.68 9.12
CA ASP A 157 10.31 14.88 7.91
C ASP A 157 9.23 13.83 7.73
N ILE A 158 8.94 13.08 8.79
CA ILE A 158 7.84 12.11 8.75
C ILE A 158 6.53 12.84 8.38
N HIS A 159 6.16 13.87 9.12
CA HIS A 159 4.92 14.62 8.86
C HIS A 159 4.82 15.29 7.49
N LEU A 160 5.94 15.80 6.98
CA LEU A 160 5.87 16.48 5.70
C LEU A 160 5.61 15.46 4.62
N VAL A 161 6.27 14.31 4.69
CA VAL A 161 6.09 13.26 3.66
C VAL A 161 4.72 12.57 3.71
N GLU A 162 4.22 12.26 4.89
CA GLU A 162 2.79 12.00 5.03
C GLU A 162 1.97 13.04 4.23
N LEU A 163 2.18 14.34 4.41
CA LEU A 163 1.36 15.30 3.67
C LEU A 163 1.59 15.24 2.13
N LEU A 164 2.84 15.11 1.70
CA LEU A 164 3.11 14.92 0.27
C LEU A 164 2.26 13.79 -0.37
N TYR A 165 1.99 12.72 0.38
CA TYR A 165 1.14 11.60 -0.15
C TYR A 165 -0.33 11.99 -0.27
N TYR A 166 -0.81 12.87 0.60
CA TYR A 166 -2.19 13.37 0.43
C TYR A 166 -2.31 14.34 -0.74
N VAL A 167 -1.28 15.17 -0.96
CA VAL A 167 -1.35 16.17 -2.03
C VAL A 167 -1.40 15.44 -3.39
N GLU A 168 -0.57 14.42 -3.54
CA GLU A 168 -0.55 13.64 -4.74
C GLU A 168 -1.88 12.94 -4.97
N GLU A 169 -2.56 12.50 -3.91
CA GLU A 169 -3.94 12.00 -4.06
C GLU A 169 -4.91 13.10 -4.54
N LEU A 170 -4.65 14.35 -4.21
CA LEU A 170 -5.53 15.44 -4.62
C LEU A 170 -5.18 16.03 -5.99
N ASP A 171 -3.90 15.99 -6.35
CA ASP A 171 -3.38 16.70 -7.54
C ASP A 171 -1.87 16.45 -7.72
N SER A 172 -1.52 15.51 -8.59
CA SER A 172 -0.13 15.08 -8.82
C SER A 172 0.86 16.14 -9.25
N SER A 173 0.38 17.26 -9.78
CA SER A 173 1.25 18.28 -10.32
C SER A 173 1.52 19.41 -9.34
N LEU A 174 0.96 19.35 -8.14
CA LEU A 174 1.28 20.37 -7.14
C LEU A 174 2.74 20.28 -6.70
N ILE A 175 3.30 19.08 -6.64
CA ILE A 175 4.73 18.96 -6.29
C ILE A 175 5.72 19.19 -7.47
N SER A 176 5.19 19.42 -8.67
CA SER A 176 5.96 19.33 -9.92
C SER A 176 7.08 20.39 -10.10
N SER A 177 6.96 21.53 -9.46
CA SER A 177 8.00 22.53 -9.57
C SER A 177 8.90 22.59 -8.32
N PHE A 178 8.81 21.59 -7.43
CA PHE A 178 9.50 21.65 -6.12
C PHE A 178 10.46 20.47 -5.98
N PRO A 179 11.73 20.65 -6.40
CA PRO A 179 12.55 19.44 -6.62
C PRO A 179 13.14 18.85 -5.36
N LEU A 180 13.30 19.66 -4.32
CA LEU A 180 13.85 19.22 -3.05
C LEU A 180 12.83 18.40 -2.26
N LEU A 181 11.57 18.84 -2.28
CA LEU A 181 10.47 18.02 -1.76
C LEU A 181 10.31 16.74 -2.57
N LYS A 182 10.56 16.81 -3.88
CA LYS A 182 10.51 15.60 -4.71
C LYS A 182 11.50 14.55 -4.23
N ALA A 183 12.73 15.00 -3.92
CA ALA A 183 13.79 14.09 -3.43
C ALA A 183 13.69 13.78 -1.90
N LEU A 184 13.18 14.71 -1.09
CA LEU A 184 12.84 14.35 0.29
C LEU A 184 11.84 13.19 0.30
N LYS A 185 10.77 13.35 -0.47
CA LYS A 185 9.70 12.38 -0.61
C LYS A 185 10.31 11.03 -0.85
N THR A 186 11.22 11.00 -1.83
CA THR A 186 11.95 9.81 -2.22
C THR A 186 12.78 9.21 -1.08
N ARG A 187 13.73 9.98 -0.54
CA ARG A 187 14.66 9.38 0.44
C ARG A 187 13.94 8.79 1.69
N ILE A 188 13.11 9.60 2.36
CA ILE A 188 12.35 9.18 3.54
C ILE A 188 11.59 7.87 3.28
N SER A 189 10.88 7.86 2.16
CA SER A 189 10.08 6.72 1.78
C SER A 189 10.92 5.47 1.80
N ASN A 190 12.22 5.61 1.54
CA ASN A 190 13.16 4.50 1.46
C ASN A 190 13.91 4.10 2.72
N LEU A 191 13.79 4.89 3.79
CA LEU A 191 14.35 4.47 5.09
C LEU A 191 13.61 3.21 5.55
N PRO A 192 14.32 2.12 5.88
CA PRO A 192 13.65 0.82 6.17
C PRO A 192 12.32 0.88 6.95
N THR A 193 12.21 1.71 7.97
CA THR A 193 10.95 1.74 8.71
C THR A 193 9.78 2.33 7.90
N VAL A 194 10.07 3.25 6.99
CA VAL A 194 8.99 3.94 6.29
C VAL A 194 8.66 3.11 5.06
N LYS A 195 9.65 2.37 4.58
CA LYS A 195 9.41 1.42 3.47
C LYS A 195 8.42 0.30 3.81
N LYS A 196 8.60 -0.29 4.99
CA LYS A 196 7.72 -1.32 5.50
C LYS A 196 6.31 -0.77 5.76
N PHE A 197 6.25 0.43 6.35
CA PHE A 197 4.98 1.10 6.58
C PHE A 197 4.22 1.42 5.29
N LEU A 198 4.96 1.68 4.22
CA LEU A 198 4.35 2.04 2.94
C LEU A 198 3.88 0.84 2.13
N GLN A 199 4.50 -0.32 2.37
CA GLN A 199 4.24 -1.54 1.60
C GLN A 199 2.79 -2.00 1.87
N PRO A 200 2.21 -2.79 0.93
CA PRO A 200 0.84 -3.32 1.10
C PRO A 200 0.61 -4.13 2.36
N GLY A 201 -0.61 -4.09 2.86
CA GLY A 201 -0.95 -4.80 4.09
C GLY A 201 -0.43 -4.20 5.39
N SER A 202 0.36 -3.13 5.33
CA SER A 202 0.69 -2.40 6.56
C SER A 202 -0.56 -1.78 7.21
N PRO A 203 -0.41 -1.20 8.43
CA PRO A 203 -1.45 -0.47 9.16
C PRO A 203 -1.79 0.90 8.65
N ARG A 204 -1.22 1.30 7.52
CA ARG A 204 -1.50 2.59 6.92
C ARG A 204 -2.92 2.53 6.35
N LYS A 205 -3.65 3.65 6.48
CA LYS A 205 -5.09 3.68 6.12
C LYS A 205 -5.40 4.30 4.73
N PRO A 206 -6.40 3.74 4.00
CA PRO A 206 -6.75 4.29 2.69
C PRO A 206 -7.57 5.60 2.80
N PRO A 207 -7.74 6.34 1.69
CA PRO A 207 -8.64 7.50 1.69
C PRO A 207 -10.09 7.23 2.15
N MET A 208 -10.67 8.23 2.80
CA MET A 208 -12.08 8.32 3.08
C MET A 208 -12.95 8.00 1.84
N ASP A 209 -13.97 7.15 2.01
CA ASP A 209 -14.99 6.95 0.96
C ASP A 209 -16.38 6.88 1.59
N GLU A 210 -17.42 6.84 0.77
CA GLU A 210 -18.77 7.03 1.31
C GLU A 210 -19.14 6.15 2.53
N LYS A 211 -18.85 4.85 2.43
CA LYS A 211 -19.19 3.87 3.47
C LYS A 211 -18.49 4.16 4.82
N SER A 212 -17.22 4.57 4.75
CA SER A 212 -16.49 5.01 5.92
C SER A 212 -17.00 6.35 6.44
N LEU A 213 -17.34 7.27 5.55
CA LEU A 213 -18.02 8.51 5.95
C LEU A 213 -19.31 8.24 6.71
N GLU A 214 -20.12 7.32 6.19
CA GLU A 214 -21.32 6.86 6.91
C GLU A 214 -20.88 6.45 8.33
N GLU A 215 -20.06 5.39 8.40
CA GLU A 215 -19.59 4.83 9.68
C GLU A 215 -19.13 5.90 10.67
N SER A 216 -18.38 6.87 10.16
CA SER A 216 -17.88 7.97 10.97
C SER A 216 -19.01 8.78 11.56
N ARG A 217 -19.93 9.19 10.68
CA ARG A 217 -21.13 9.94 11.06
C ARG A 217 -21.87 9.27 12.20
N LYS A 218 -22.01 7.95 12.13
CA LYS A 218 -22.83 7.24 13.10
C LYS A 218 -22.07 6.87 14.38
N ILE A 219 -20.76 6.64 14.26
CA ILE A 219 -19.92 6.35 15.42
C ILE A 219 -19.72 7.58 16.30
N PHE A 220 -19.37 8.71 15.70
CA PHE A 220 -19.01 9.90 16.47
C PHE A 220 -20.23 10.78 16.72
N ARG A 221 -21.41 10.23 16.45
CA ARG A 221 -22.69 10.96 16.55
C ARG A 221 -22.49 12.46 16.63
N HIS A 222 -22.22 13.08 15.47
CA HIS A 222 -21.98 14.52 15.37
C HIS A 222 -23.10 15.30 14.71
N LYS B 4 13.88 41.80 25.16
CA LYS B 4 12.46 42.13 24.84
C LYS B 4 12.19 41.57 23.45
N PRO B 5 11.58 40.37 23.38
CA PRO B 5 11.23 39.79 22.09
C PRO B 5 10.01 40.49 21.57
N LYS B 6 9.79 40.43 20.26
CA LYS B 6 8.85 41.32 19.66
C LYS B 6 7.67 40.60 19.06
N LEU B 7 6.49 40.96 19.55
CA LEU B 7 5.27 40.34 19.16
C LEU B 7 4.65 41.07 17.99
N HIS B 8 4.43 40.34 16.91
CA HIS B 8 3.69 40.87 15.77
C HIS B 8 2.29 40.31 15.70
N TYR B 9 1.34 41.16 16.03
CA TYR B 9 -0.07 40.85 15.85
C TYR B 9 -0.80 42.19 15.92
N SER B 10 -2.05 42.19 15.48
CA SER B 10 -2.95 43.32 15.72
C SER B 10 -3.20 43.53 17.19
N ASN B 11 -4.02 44.54 17.46
CA ASN B 11 -4.35 45.06 18.78
C ASN B 11 -5.50 44.27 19.42
N ILE B 12 -5.58 43.00 19.03
CA ILE B 12 -6.55 42.05 19.57
C ILE B 12 -5.89 40.88 20.31
N ARG B 13 -6.71 40.21 21.13
CA ARG B 13 -6.34 38.94 21.76
C ARG B 13 -5.94 37.91 20.70
N GLY B 14 -6.93 37.31 20.03
CA GLY B 14 -6.65 36.35 18.96
C GLY B 14 -5.77 35.20 19.39
N ARG B 15 -4.76 34.90 18.57
CA ARG B 15 -3.84 33.83 18.83
C ARG B 15 -2.63 34.38 19.51
N MET B 16 -2.58 35.69 19.71
CA MET B 16 -1.44 36.23 20.38
C MET B 16 -1.55 36.21 21.90
N GLU B 17 -2.78 36.10 22.40
CA GLU B 17 -3.08 36.32 23.81
C GLU B 17 -2.48 35.25 24.77
N SER B 18 -2.51 33.98 24.36
CA SER B 18 -1.99 32.90 25.15
C SER B 18 -0.47 33.05 25.27
N ILE B 19 0.13 33.64 24.25
CA ILE B 19 1.52 34.00 24.24
C ILE B 19 1.74 35.23 25.17
N ARG B 20 0.86 36.23 25.10
CA ARG B 20 0.99 37.41 25.97
C ARG B 20 0.91 36.96 27.45
N TRP B 21 -0.12 36.19 27.78
CA TRP B 21 -0.27 35.58 29.12
C TRP B 21 0.95 34.78 29.64
N LEU B 22 1.56 33.94 28.78
CA LEU B 22 2.63 33.06 29.24
C LEU B 22 3.89 33.84 29.53
N LEU B 23 4.15 34.87 28.73
CA LEU B 23 5.36 35.67 28.92
C LEU B 23 5.31 36.52 30.21
N ALA B 24 4.18 37.18 30.46
CA ALA B 24 4.07 37.99 31.68
C ALA B 24 4.07 37.12 32.91
N ALA B 25 3.48 35.92 32.81
CA ALA B 25 3.46 35.02 33.96
C ALA B 25 4.86 34.54 34.32
N ALA B 26 5.74 34.50 33.31
CA ALA B 26 7.13 34.06 33.46
C ALA B 26 8.05 35.19 33.90
N GLY B 27 7.58 36.44 33.80
CA GLY B 27 8.37 37.63 34.16
C GLY B 27 8.89 38.49 33.00
N VAL B 28 8.86 37.93 31.80
CA VAL B 28 9.52 38.50 30.62
C VAL B 28 8.82 39.72 30.05
N GLU B 29 9.48 40.88 30.05
CA GLU B 29 9.00 42.08 29.34
C GLU B 29 9.21 41.86 27.84
N PHE B 30 8.25 42.26 27.02
CA PHE B 30 8.33 42.00 25.60
C PHE B 30 7.85 43.25 24.89
N GLU B 31 8.18 43.40 23.61
CA GLU B 31 7.60 44.48 22.82
C GLU B 31 6.39 44.00 22.05
N GLU B 32 5.50 44.93 21.76
CA GLU B 32 4.44 44.66 20.81
C GLU B 32 4.51 45.72 19.74
N LYS B 33 4.77 45.26 18.52
CA LYS B 33 4.62 46.06 17.35
C LYS B 33 3.30 45.64 16.74
N PHE B 34 2.32 46.54 16.76
CA PHE B 34 0.97 46.25 16.29
C PHE B 34 0.74 46.36 14.78
N ILE B 35 -0.07 45.45 14.24
CA ILE B 35 -0.51 45.49 12.85
C ILE B 35 -1.82 46.28 12.83
N LYS B 36 -1.83 47.41 12.11
CA LYS B 36 -3.00 48.28 12.03
C LYS B 36 -3.68 48.16 10.67
N SER B 37 -3.07 47.51 9.70
CA SER B 37 -3.64 47.55 8.35
C SER B 37 -3.30 46.36 7.50
N ALA B 38 -4.08 46.15 6.45
CA ALA B 38 -3.81 45.12 5.46
C ALA B 38 -2.42 45.22 4.83
N GLU B 39 -1.84 46.43 4.79
CA GLU B 39 -0.48 46.56 4.23
C GLU B 39 0.60 46.52 5.27
N ASP B 40 0.27 46.78 6.53
CA ASP B 40 1.25 46.56 7.62
C ASP B 40 1.64 45.08 7.55
N LEU B 41 0.63 44.24 7.35
CA LEU B 41 0.82 42.81 7.20
C LEU B 41 1.50 42.50 5.87
N ASP B 42 0.92 42.95 4.76
CA ASP B 42 1.54 42.83 3.43
C ASP B 42 3.04 43.11 3.47
N LYS B 43 3.41 44.14 4.24
CA LYS B 43 4.81 44.50 4.47
C LYS B 43 5.59 43.32 5.02
N LEU B 44 5.08 42.76 6.12
CA LEU B 44 5.69 41.63 6.85
C LEU B 44 5.95 40.47 5.93
N ARG B 45 4.94 40.11 5.15
CA ARG B 45 5.05 39.04 4.17
C ARG B 45 6.18 39.37 3.23
N ASN B 46 6.24 40.65 2.82
CA ASN B 46 7.09 41.06 1.72
C ASN B 46 8.56 41.10 2.13
N ASP B 47 8.81 41.58 3.34
CA ASP B 47 10.14 41.52 3.94
C ASP B 47 10.60 40.07 4.18
N GLY B 48 9.68 39.12 4.05
CA GLY B 48 9.96 37.70 4.29
C GLY B 48 9.97 37.27 5.74
N TYR B 49 9.24 38.02 6.58
CA TYR B 49 9.18 37.79 8.05
C TYR B 49 8.36 36.56 8.52
N LEU B 50 7.36 36.17 7.73
CA LEU B 50 6.34 35.18 8.11
C LEU B 50 6.46 33.91 7.29
N MET B 51 7.12 32.90 7.86
CA MET B 51 7.36 31.63 7.15
C MET B 51 6.27 31.19 6.17
N PHE B 52 5.03 31.28 6.65
CA PHE B 52 3.80 30.85 6.00
C PHE B 52 2.82 32.04 5.80
N GLN B 53 3.36 33.23 5.58
CA GLN B 53 2.56 34.47 5.33
C GLN B 53 1.61 34.85 6.46
N GLN B 54 1.75 34.27 7.64
CA GLN B 54 0.77 34.49 8.68
C GLN B 54 1.38 35.09 9.92
N VAL B 55 0.52 35.51 10.84
CA VAL B 55 0.91 35.93 12.19
C VAL B 55 0.04 35.08 13.16
N PRO B 56 0.42 34.96 14.46
CA PRO B 56 1.48 35.56 15.25
C PRO B 56 2.90 35.33 14.71
N MET B 57 3.80 36.17 15.17
CA MET B 57 5.20 36.01 14.95
C MET B 57 5.85 36.79 16.09
N VAL B 58 6.92 36.21 16.59
CA VAL B 58 7.55 36.60 17.79
C VAL B 58 9.04 36.57 17.48
N GLU B 59 9.68 37.72 17.54
CA GLU B 59 11.11 37.80 17.32
C GLU B 59 11.77 37.45 18.63
N ILE B 60 12.40 36.29 18.70
CA ILE B 60 12.96 35.79 19.96
C ILE B 60 14.21 34.97 19.70
N ASP B 61 15.26 35.32 20.43
CA ASP B 61 16.51 34.56 20.42
C ASP B 61 17.07 34.32 19.03
N GLY B 62 16.82 35.27 18.13
CA GLY B 62 17.41 35.25 16.80
C GLY B 62 16.47 34.71 15.77
N MET B 63 15.44 34.02 16.24
CA MET B 63 14.37 33.45 15.40
C MET B 63 13.22 34.45 15.14
N LYS B 64 12.66 34.42 13.94
CA LYS B 64 11.38 35.08 13.73
C LYS B 64 10.36 33.93 13.70
N LEU B 65 9.86 33.59 14.89
CA LEU B 65 9.01 32.43 15.08
C LEU B 65 7.59 32.71 14.69
N VAL B 66 7.07 31.86 13.79
CA VAL B 66 5.64 31.74 13.61
C VAL B 66 5.06 30.44 14.19
N GLN B 67 3.73 30.31 14.03
CA GLN B 67 2.90 29.22 14.53
C GLN B 67 2.69 29.33 16.02
N THR B 68 1.43 29.46 16.42
CA THR B 68 1.13 29.78 17.84
C THR B 68 1.75 28.73 18.75
N ARG B 69 1.56 27.46 18.39
CA ARG B 69 2.11 26.34 19.21
C ARG B 69 3.62 26.24 19.23
N ALA B 70 4.29 26.57 18.14
CA ALA B 70 5.76 26.65 18.15
C ALA B 70 6.27 27.77 19.09
N ILE B 71 5.59 28.92 19.07
CA ILE B 71 5.97 30.06 19.93
C ILE B 71 5.86 29.80 21.43
N LEU B 72 4.66 29.42 21.88
CA LEU B 72 4.40 28.93 23.24
C LEU B 72 5.32 27.80 23.67
N ASN B 73 5.51 26.77 22.82
CA ASN B 73 6.37 25.63 23.20
C ASN B 73 7.76 26.07 23.60
N TYR B 74 8.31 26.99 22.80
CA TYR B 74 9.64 27.53 23.03
C TYR B 74 9.71 28.32 24.33
N ILE B 75 8.82 29.32 24.47
CA ILE B 75 8.75 30.15 25.64
C ILE B 75 8.64 29.30 26.90
N ALA B 76 7.78 28.28 26.84
CA ALA B 76 7.54 27.41 28.00
C ALA B 76 8.77 26.63 28.38
N SER B 77 9.53 26.13 27.40
CA SER B 77 10.73 25.34 27.69
C SER B 77 11.79 26.27 28.29
N LYS B 78 12.08 27.36 27.59
CA LYS B 78 13.04 28.37 28.04
C LYS B 78 12.86 28.75 29.48
N TYR B 79 11.61 28.88 29.92
CA TYR B 79 11.35 29.37 31.24
C TYR B 79 10.86 28.30 32.19
N ASN B 80 11.15 27.06 31.83
CA ASN B 80 10.88 25.87 32.66
C ASN B 80 9.46 25.85 33.25
N LEU B 81 8.51 25.94 32.33
CA LEU B 81 7.09 25.79 32.62
C LEU B 81 6.56 24.62 31.79
N TYR B 82 7.49 23.81 31.28
CA TYR B 82 7.11 22.69 30.43
C TYR B 82 7.41 21.31 31.05
N GLY B 83 7.57 21.24 32.38
CA GLY B 83 7.74 19.94 33.08
C GLY B 83 9.18 19.51 33.26
N LYS B 84 9.42 18.51 34.10
CA LYS B 84 10.78 18.03 34.32
C LYS B 84 11.26 17.01 33.28
N ASP B 85 10.39 16.09 32.93
CA ASP B 85 10.79 15.10 31.97
C ASP B 85 9.74 14.95 30.91
N ILE B 86 10.08 14.13 29.94
CA ILE B 86 9.20 13.68 28.88
C ILE B 86 7.77 13.28 29.36
N LYS B 87 7.66 12.76 30.58
CA LYS B 87 6.45 12.12 31.03
C LYS B 87 5.50 13.14 31.61
N GLU B 88 6.07 14.06 32.39
CA GLU B 88 5.37 15.28 32.79
C GLU B 88 4.90 16.10 31.60
N LYS B 89 5.73 16.15 30.56
CA LYS B 89 5.38 16.82 29.31
C LYS B 89 4.07 16.33 28.68
N ALA B 90 3.89 15.01 28.67
CA ALA B 90 2.73 14.41 28.05
C ALA B 90 1.46 14.76 28.80
N LEU B 91 1.57 14.86 30.13
CA LEU B 91 0.45 15.29 30.98
C LEU B 91 0.19 16.73 30.73
N ILE B 92 1.23 17.56 30.72
CA ILE B 92 1.07 18.99 30.37
C ILE B 92 0.46 19.18 28.96
N ASP B 93 0.90 18.36 28.00
CA ASP B 93 0.45 18.44 26.58
C ASP B 93 -1.01 18.03 26.35
N MET B 94 -1.37 16.88 26.92
CA MET B 94 -2.76 16.45 27.00
C MET B 94 -3.63 17.54 27.61
N TYR B 95 -3.19 18.07 28.74
CA TYR B 95 -3.94 19.10 29.43
C TYR B 95 -4.13 20.32 28.54
N ILE B 96 -3.03 20.93 28.10
CA ILE B 96 -3.13 22.22 27.42
C ILE B 96 -3.89 22.15 26.10
N GLU B 97 -3.79 21.02 25.38
CA GLU B 97 -4.52 20.88 24.12
C GLU B 97 -6.03 20.78 24.39
N GLY B 98 -6.39 20.19 25.51
CA GLY B 98 -7.78 20.18 25.91
C GLY B 98 -8.25 21.61 26.15
N ILE B 99 -7.49 22.40 26.91
CA ILE B 99 -7.81 23.82 27.14
C ILE B 99 -7.93 24.53 25.78
N ALA B 100 -7.12 24.07 24.81
CA ALA B 100 -7.03 24.73 23.49
C ALA B 100 -8.30 24.52 22.66
N ASP B 101 -8.91 23.33 22.77
CA ASP B 101 -10.13 23.02 22.02
C ASP B 101 -11.31 23.88 22.49
N LEU B 102 -11.42 24.11 23.78
CA LEU B 102 -12.48 24.96 24.23
C LEU B 102 -12.10 26.40 23.94
N GLY B 103 -10.79 26.67 23.86
CA GLY B 103 -10.27 27.92 23.33
C GLY B 103 -10.75 28.29 21.94
N GLU B 104 -10.65 27.33 21.02
CA GLU B 104 -11.19 27.49 19.67
C GLU B 104 -12.67 27.74 19.69
N MET B 105 -13.42 27.03 20.53
CA MET B 105 -14.86 27.33 20.66
C MET B 105 -15.14 28.81 21.05
N ILE B 106 -14.40 29.32 22.03
CA ILE B 106 -14.60 30.67 22.55
C ILE B 106 -14.17 31.75 21.53
N GLY B 107 -13.05 31.54 20.85
CA GLY B 107 -12.68 32.44 19.73
C GLY B 107 -13.65 32.44 18.55
N ASP B 108 -14.02 31.26 18.07
CA ASP B 108 -15.08 31.13 17.09
C ASP B 108 -16.34 31.93 17.39
N LEU B 109 -16.79 31.91 18.65
CA LEU B 109 -17.93 32.73 19.12
C LEU B 109 -17.68 34.21 18.95
N SER B 110 -16.50 34.68 19.36
CA SER B 110 -16.17 36.10 19.31
C SER B 110 -16.05 36.71 17.91
N PHE B 111 -15.93 35.86 16.89
CA PHE B 111 -15.76 36.29 15.50
C PHE B 111 -17.05 36.17 14.71
N SER B 112 -18.01 35.41 15.26
CA SER B 112 -19.36 35.29 14.72
C SER B 112 -20.20 36.55 14.88
N GLN B 113 -21.16 36.73 13.97
CA GLN B 113 -22.23 37.68 14.17
C GLN B 113 -23.18 37.12 15.22
N PRO B 114 -23.83 38.01 16.00
CA PRO B 114 -24.91 37.62 16.91
C PRO B 114 -25.90 36.55 16.40
N GLU B 115 -26.23 36.57 15.10
CA GLU B 115 -27.15 35.57 14.49
C GLU B 115 -26.70 34.14 14.76
N GLU B 116 -25.41 33.94 15.00
CA GLU B 116 -24.90 32.63 15.34
C GLU B 116 -24.55 32.49 16.82
N GLN B 117 -24.39 33.62 17.50
CA GLN B 117 -23.83 33.62 18.87
C GLN B 117 -24.66 32.87 19.91
N ASP B 118 -25.89 33.32 20.15
CA ASP B 118 -26.81 32.57 21.03
C ASP B 118 -26.54 31.07 21.01
N ALA B 119 -26.57 30.49 19.82
CA ALA B 119 -26.41 29.05 19.62
C ALA B 119 -25.01 28.56 19.96
N LYS B 120 -24.00 29.17 19.32
CA LYS B 120 -22.58 28.82 19.58
C LYS B 120 -22.18 28.91 21.07
N LEU B 121 -22.85 29.79 21.81
CA LEU B 121 -22.67 29.90 23.25
C LEU B 121 -23.30 28.71 23.95
N ALA B 122 -24.54 28.40 23.59
CA ALA B 122 -25.22 27.20 24.10
C ALA B 122 -24.31 25.97 24.00
N LEU B 123 -23.56 25.87 22.91
CA LEU B 123 -22.62 24.76 22.80
C LEU B 123 -21.43 24.84 23.77
N ILE B 124 -20.86 26.03 23.94
CA ILE B 124 -19.72 26.20 24.85
C ILE B 124 -20.13 25.87 26.29
N GLN B 125 -21.34 26.27 26.68
CA GLN B 125 -21.83 26.07 28.04
C GLN B 125 -21.95 24.60 28.37
N GLU B 126 -22.58 23.89 27.45
CA GLU B 126 -22.84 22.48 27.54
C GLU B 126 -21.51 21.76 27.68
N LYS B 127 -20.56 22.09 26.81
CA LYS B 127 -19.24 21.44 26.82
C LYS B 127 -18.39 21.80 28.03
N THR B 128 -18.49 23.05 28.48
CA THR B 128 -17.77 23.54 29.64
C THR B 128 -18.08 22.78 30.92
N LYS B 129 -19.37 22.70 31.27
CA LYS B 129 -19.82 22.09 32.53
C LYS B 129 -19.73 20.57 32.51
N ASN B 130 -19.98 19.95 31.36
CA ASN B 130 -20.13 18.49 31.29
C ASN B 130 -18.87 17.76 30.82
N ARG B 131 -17.98 18.50 30.16
CA ARG B 131 -16.73 17.93 29.62
C ARG B 131 -15.44 18.47 30.25
N TYR B 132 -15.12 19.72 29.99
CA TYR B 132 -13.79 20.26 30.27
C TYR B 132 -13.58 20.60 31.74
N PHE B 133 -14.53 21.31 32.33
CA PHE B 133 -14.45 21.62 33.74
C PHE B 133 -14.36 20.35 34.63
N PRO B 134 -15.30 19.39 34.47
CA PRO B 134 -15.13 18.11 35.18
C PRO B 134 -13.77 17.44 34.97
N ALA B 135 -13.23 17.49 33.76
CA ALA B 135 -11.90 16.91 33.51
C ALA B 135 -10.79 17.58 34.33
N PHE B 136 -10.86 18.88 34.49
CA PHE B 136 -9.79 19.56 35.19
C PHE B 136 -9.93 19.57 36.71
N GLU B 137 -11.17 19.48 37.20
CA GLU B 137 -11.46 19.16 38.60
C GLU B 137 -10.88 17.82 39.06
N LYS B 138 -11.16 16.78 38.29
CA LYS B 138 -10.72 15.41 38.59
C LYS B 138 -9.21 15.29 38.78
N VAL B 139 -8.42 16.03 37.98
CA VAL B 139 -6.94 16.11 38.13
C VAL B 139 -6.45 16.78 39.46
N LEU B 140 -7.09 17.89 39.84
CA LEU B 140 -6.75 18.54 41.10
C LEU B 140 -7.22 17.71 42.27
N LYS B 141 -8.47 17.23 42.24
CA LYS B 141 -9.00 16.40 43.32
C LYS B 141 -8.12 15.19 43.59
N SER B 142 -7.59 14.57 42.52
CA SER B 142 -6.80 13.35 42.65
C SER B 142 -5.47 13.56 43.35
N HIS B 143 -4.83 14.71 43.19
CA HIS B 143 -3.62 14.91 43.95
C HIS B 143 -3.72 15.98 45.03
N GLY B 144 -4.81 16.73 45.03
CA GLY B 144 -5.02 17.77 46.04
C GLY B 144 -3.91 18.80 46.09
N GLN B 145 -2.95 18.68 45.17
CA GLN B 145 -1.82 19.60 45.06
C GLN B 145 -2.22 20.92 44.42
N ASP B 146 -1.43 21.93 44.70
CA ASP B 146 -1.74 23.29 44.28
C ASP B 146 -1.67 23.62 42.78
N TYR B 147 -1.00 22.78 42.01
CA TYR B 147 -0.84 22.99 40.58
C TYR B 147 -1.18 21.74 39.83
N LEU B 148 -1.36 21.89 38.53
CA LEU B 148 -1.85 20.78 37.73
C LEU B 148 -0.82 19.69 37.63
N VAL B 149 0.43 20.05 37.41
CA VAL B 149 1.46 19.03 37.24
C VAL B 149 2.79 19.25 38.01
N GLY B 150 3.23 18.17 38.67
CA GLY B 150 4.59 18.01 39.17
C GLY B 150 4.86 18.83 40.40
N ASN B 151 3.78 19.18 41.11
CA ASN B 151 3.78 20.14 42.23
C ASN B 151 4.54 21.45 42.02
N LYS B 152 4.34 22.02 40.84
CA LYS B 152 5.04 23.25 40.46
C LYS B 152 4.21 23.92 39.36
N LEU B 153 4.42 25.24 39.18
CA LEU B 153 3.70 26.01 38.16
C LEU B 153 4.20 25.64 36.80
N SER B 154 3.28 25.29 35.92
CA SER B 154 3.64 25.01 34.56
C SER B 154 2.74 25.86 33.71
N ARG B 155 3.00 25.89 32.41
CA ARG B 155 2.19 26.59 31.44
C ARG B 155 0.77 26.07 31.48
N ALA B 156 0.57 24.82 31.91
CA ALA B 156 -0.77 24.23 31.97
C ALA B 156 -1.58 25.00 32.99
N ASP B 157 -0.99 25.35 34.12
CA ASP B 157 -1.78 26.15 35.08
C ASP B 157 -2.14 27.49 34.50
N ILE B 158 -1.17 28.10 33.84
CA ILE B 158 -1.36 29.40 33.13
C ILE B 158 -2.49 29.47 32.07
N HIS B 159 -2.55 28.49 31.16
CA HIS B 159 -3.57 28.46 30.08
C HIS B 159 -4.98 28.23 30.57
N LEU B 160 -5.11 27.29 31.49
CA LEU B 160 -6.37 26.99 32.10
C LEU B 160 -6.91 28.24 32.83
N VAL B 161 -6.07 28.96 33.56
CA VAL B 161 -6.52 30.17 34.29
C VAL B 161 -6.93 31.30 33.34
N GLU B 162 -6.19 31.44 32.25
CA GLU B 162 -6.61 32.34 31.20
C GLU B 162 -7.98 31.94 30.70
N LEU B 163 -8.13 30.67 30.34
CA LEU B 163 -9.37 30.18 29.76
C LEU B 163 -10.51 30.31 30.75
N LEU B 164 -10.25 29.94 32.01
CA LEU B 164 -11.20 30.15 33.13
C LEU B 164 -11.70 31.61 33.14
N TYR B 165 -10.87 32.53 32.66
CA TYR B 165 -11.21 33.94 32.71
C TYR B 165 -12.17 34.32 31.57
N TYR B 166 -12.08 33.63 30.43
CA TYR B 166 -12.99 33.97 29.31
C TYR B 166 -14.35 33.37 29.52
N VAL B 167 -14.36 32.17 30.11
CA VAL B 167 -15.57 31.47 30.52
C VAL B 167 -16.37 32.37 31.44
N GLU B 168 -15.67 33.02 32.36
CA GLU B 168 -16.31 33.90 33.31
C GLU B 168 -17.00 35.10 32.63
N GLU B 169 -16.36 35.72 31.63
CA GLU B 169 -17.00 36.80 30.84
C GLU B 169 -18.27 36.33 30.14
N LEU B 170 -18.32 35.04 29.82
CA LEU B 170 -19.33 34.50 28.93
C LEU B 170 -20.52 33.93 29.70
N ASP B 171 -20.25 33.34 30.86
CA ASP B 171 -21.28 32.79 31.76
C ASP B 171 -20.65 32.49 33.14
N SER B 172 -20.84 33.43 34.04
CA SER B 172 -20.20 33.48 35.34
C SER B 172 -20.42 32.26 36.23
N SER B 173 -21.48 31.49 35.99
CA SER B 173 -21.85 30.41 36.88
C SER B 173 -21.40 29.04 36.38
N LEU B 174 -20.62 29.01 35.30
CA LEU B 174 -20.15 27.73 34.77
C LEU B 174 -19.16 27.06 35.75
N ILE B 175 -18.30 27.88 36.34
CA ILE B 175 -17.26 27.49 37.30
C ILE B 175 -17.81 27.24 38.72
N SER B 176 -19.06 27.63 38.97
CA SER B 176 -19.62 27.63 40.33
C SER B 176 -19.58 26.28 41.06
N SER B 177 -19.81 25.18 40.35
CA SER B 177 -19.72 23.84 40.95
C SER B 177 -18.31 23.23 40.96
N PHE B 178 -17.27 24.04 40.79
CA PHE B 178 -15.91 23.53 40.71
C PHE B 178 -14.92 24.21 41.65
N PRO B 179 -15.02 23.91 42.96
CA PRO B 179 -14.31 24.68 43.97
C PRO B 179 -12.80 24.52 43.83
N LEU B 180 -12.39 23.49 43.08
CA LEU B 180 -10.96 23.23 42.88
C LEU B 180 -10.34 24.17 41.82
N LEU B 181 -11.05 24.37 40.71
CA LEU B 181 -10.69 25.37 39.69
C LEU B 181 -10.91 26.76 40.24
N LYS B 182 -12.04 26.92 40.92
CA LYS B 182 -12.43 28.12 41.66
C LYS B 182 -11.23 28.60 42.46
N ALA B 183 -10.58 27.61 43.07
CA ALA B 183 -9.45 27.80 43.94
C ALA B 183 -8.14 28.00 43.20
N LEU B 184 -8.02 27.35 42.04
CA LEU B 184 -6.79 27.45 41.27
C LEU B 184 -6.75 28.86 40.73
N LYS B 185 -7.89 29.31 40.19
CA LYS B 185 -8.05 30.64 39.66
C LYS B 185 -7.46 31.71 40.57
N THR B 186 -7.80 31.64 41.88
CA THR B 186 -7.39 32.67 42.85
C THR B 186 -5.88 32.66 43.03
N ARG B 187 -5.35 31.49 43.36
CA ARG B 187 -3.93 31.29 43.60
C ARG B 187 -3.07 31.77 42.44
N ILE B 188 -3.30 31.23 41.24
CA ILE B 188 -2.47 31.61 40.10
C ILE B 188 -2.56 33.12 39.88
N SER B 189 -3.71 33.70 40.17
CA SER B 189 -3.90 35.12 39.94
C SER B 189 -3.19 35.99 40.97
N ASN B 190 -2.90 35.45 42.14
CA ASN B 190 -2.14 36.25 43.12
C ASN B 190 -0.63 36.02 43.05
N LEU B 191 -0.19 35.20 42.09
CA LEU B 191 1.24 35.12 41.75
C LEU B 191 1.74 36.48 41.26
N PRO B 192 2.80 37.03 41.91
CA PRO B 192 3.28 38.39 41.65
C PRO B 192 3.32 38.77 40.16
N THR B 193 3.81 37.87 39.31
CA THR B 193 3.89 38.18 37.90
C THR B 193 2.52 38.21 37.27
N VAL B 194 1.65 37.32 37.72
CA VAL B 194 0.34 37.15 37.08
C VAL B 194 -0.56 38.25 37.59
N LYS B 195 -0.21 38.75 38.76
CA LYS B 195 -0.90 39.83 39.42
C LYS B 195 -0.78 41.14 38.62
N LYS B 196 0.41 41.44 38.11
CA LYS B 196 0.69 42.68 37.37
C LYS B 196 0.05 42.63 35.99
N PHE B 197 0.22 41.52 35.28
CA PHE B 197 -0.52 41.27 34.04
C PHE B 197 -2.07 41.37 34.19
N LEU B 198 -2.61 40.96 35.33
CA LEU B 198 -4.05 41.14 35.57
C LEU B 198 -4.43 42.58 35.96
N GLN B 199 -3.44 43.38 36.39
CA GLN B 199 -3.63 44.81 36.71
C GLN B 199 -4.20 45.62 35.51
N PRO B 200 -4.86 46.78 35.77
CA PRO B 200 -5.27 47.65 34.68
C PRO B 200 -4.06 48.31 34.01
N GLY B 201 -4.21 48.62 32.74
CA GLY B 201 -3.12 49.15 31.96
C GLY B 201 -2.12 48.16 31.37
N SER B 202 -2.22 46.88 31.68
CA SER B 202 -1.23 45.95 31.15
C SER B 202 -1.43 45.74 29.65
N PRO B 203 -0.46 45.06 29.00
CA PRO B 203 -0.66 44.45 27.69
C PRO B 203 -1.76 43.38 27.64
N ARG B 204 -2.45 43.10 28.75
CA ARG B 204 -3.65 42.22 28.65
C ARG B 204 -4.78 42.81 27.77
N LYS B 205 -5.29 42.00 26.83
CA LYS B 205 -6.22 42.50 25.80
C LYS B 205 -7.73 42.41 26.10
N PRO B 206 -8.49 43.46 25.71
CA PRO B 206 -9.94 43.47 25.93
C PRO B 206 -10.67 42.51 24.97
N PRO B 207 -11.90 42.11 25.32
CA PRO B 207 -12.79 41.27 24.51
C PRO B 207 -12.99 41.81 23.10
N MET B 208 -13.18 40.90 22.15
CA MET B 208 -13.59 41.25 20.81
C MET B 208 -14.87 42.08 20.80
N ASP B 209 -14.89 43.13 19.99
CA ASP B 209 -16.16 43.81 19.65
C ASP B 209 -16.19 44.24 18.17
N GLU B 210 -17.35 44.72 17.69
CA GLU B 210 -17.56 45.14 16.29
C GLU B 210 -16.42 46.02 15.72
N LYS B 211 -16.13 47.13 16.39
CA LYS B 211 -15.01 47.96 16.00
C LYS B 211 -13.82 47.04 15.66
N SER B 212 -13.34 46.28 16.66
CA SER B 212 -12.21 45.34 16.47
C SER B 212 -12.48 44.24 15.44
N LEU B 213 -13.72 43.79 15.34
CA LEU B 213 -14.11 42.87 14.26
C LEU B 213 -14.06 43.51 12.88
N GLU B 214 -14.41 44.80 12.79
CA GLU B 214 -14.34 45.49 11.51
C GLU B 214 -12.88 45.52 11.09
N GLU B 215 -12.02 45.90 12.03
CA GLU B 215 -10.59 45.95 11.78
C GLU B 215 -10.10 44.60 11.28
N SER B 216 -10.56 43.53 11.93
CA SER B 216 -10.12 42.17 11.65
C SER B 216 -10.42 41.74 10.23
N ARG B 217 -11.69 41.85 9.84
CA ARG B 217 -12.14 41.48 8.50
C ARG B 217 -11.29 42.23 7.49
N LYS B 218 -10.90 43.45 7.88
CA LYS B 218 -10.26 44.42 7.00
C LYS B 218 -8.73 44.26 6.85
N ILE B 219 -8.04 43.93 7.94
CA ILE B 219 -6.61 43.67 7.89
C ILE B 219 -6.26 42.39 7.12
N PHE B 220 -6.98 41.31 7.38
CA PHE B 220 -6.50 40.01 6.93
C PHE B 220 -6.74 39.70 5.45
N LYS C 4 1.86 -24.62 -44.36
CA LYS C 4 2.19 -25.53 -43.24
C LYS C 4 2.77 -24.79 -42.04
N PRO C 5 2.27 -25.10 -40.83
CA PRO C 5 2.85 -24.43 -39.66
C PRO C 5 4.31 -24.87 -39.50
N LYS C 6 5.23 -23.92 -39.29
CA LYS C 6 6.66 -24.27 -39.25
C LYS C 6 7.17 -24.19 -37.84
N LEU C 7 7.90 -25.22 -37.42
CA LEU C 7 8.42 -25.27 -36.06
C LEU C 7 9.94 -25.06 -35.99
N HIS C 8 10.34 -24.13 -35.11
CA HIS C 8 11.76 -23.84 -34.89
C HIS C 8 12.20 -24.12 -33.48
N TYR C 9 13.17 -25.02 -33.40
CA TYR C 9 13.74 -25.56 -32.19
C TYR C 9 14.73 -26.59 -32.71
N SER C 10 15.62 -27.05 -31.84
CA SER C 10 16.62 -28.05 -32.21
C SER C 10 15.94 -29.39 -32.48
N ASN C 11 16.71 -30.37 -32.90
CA ASN C 11 16.19 -31.70 -33.16
C ASN C 11 16.06 -32.52 -31.88
N ILE C 12 15.31 -32.02 -30.91
CA ILE C 12 15.12 -32.76 -29.65
C ILE C 12 13.68 -32.71 -29.19
N ARG C 13 13.31 -33.50 -28.17
CA ARG C 13 11.99 -33.34 -27.57
C ARG C 13 11.84 -31.89 -27.01
N GLY C 14 12.55 -31.57 -25.94
CA GLY C 14 12.58 -30.22 -25.40
C GLY C 14 11.27 -29.61 -24.97
N ARG C 15 11.00 -28.39 -25.40
CA ARG C 15 9.74 -27.75 -25.11
C ARG C 15 8.92 -27.81 -26.39
N MET C 16 9.48 -28.40 -27.44
CA MET C 16 8.77 -28.51 -28.71
C MET C 16 7.87 -29.73 -28.88
N GLU C 17 8.20 -30.84 -28.24
CA GLU C 17 7.49 -32.13 -28.43
C GLU C 17 5.96 -32.10 -28.14
N SER C 18 5.55 -31.32 -27.14
CA SER C 18 4.12 -31.25 -26.79
C SER C 18 3.31 -30.58 -27.88
N ILE C 19 3.90 -29.62 -28.56
CA ILE C 19 3.31 -29.08 -29.80
C ILE C 19 3.28 -30.14 -30.91
N ARG C 20 4.34 -30.97 -31.01
CA ARG C 20 4.46 -31.94 -32.11
C ARG C 20 3.30 -32.93 -32.09
N TRP C 21 3.11 -33.60 -30.97
CA TRP C 21 1.94 -34.45 -30.73
C TRP C 21 0.59 -33.79 -30.99
N LEU C 22 0.42 -32.51 -30.60
CA LEU C 22 -0.90 -31.86 -30.70
C LEU C 22 -1.35 -31.63 -32.13
N LEU C 23 -0.43 -31.11 -32.93
CA LEU C 23 -0.60 -30.87 -34.34
C LEU C 23 -0.87 -32.18 -35.06
N ALA C 24 -0.07 -33.20 -34.73
CA ALA C 24 -0.21 -34.52 -35.35
C ALA C 24 -1.56 -35.17 -35.06
N ALA C 25 -2.01 -35.05 -33.82
CA ALA C 25 -3.34 -35.58 -33.43
C ALA C 25 -4.48 -34.83 -34.12
N ALA C 26 -4.30 -33.52 -34.31
CA ALA C 26 -5.21 -32.69 -35.10
C ALA C 26 -5.28 -33.08 -36.60
N GLY C 27 -4.28 -33.86 -37.05
CA GLY C 27 -4.16 -34.25 -38.45
C GLY C 27 -3.42 -33.26 -39.33
N VAL C 28 -2.82 -32.25 -38.70
CA VAL C 28 -2.13 -31.16 -39.41
C VAL C 28 -0.68 -31.50 -39.76
N GLU C 29 -0.36 -31.37 -41.04
CA GLU C 29 1.02 -31.47 -41.52
C GLU C 29 1.76 -30.19 -41.17
N PHE C 30 3.00 -30.32 -40.75
CA PHE C 30 3.83 -29.16 -40.45
C PHE C 30 5.26 -29.37 -40.94
N GLU C 31 5.97 -28.26 -41.09
CA GLU C 31 7.34 -28.28 -41.54
C GLU C 31 8.25 -28.00 -40.33
N GLU C 32 9.32 -28.77 -40.18
CA GLU C 32 10.25 -28.53 -39.09
C GLU C 32 11.53 -27.93 -39.60
N LYS C 33 11.98 -26.86 -38.93
CA LYS C 33 13.23 -26.22 -39.30
C LYS C 33 14.18 -26.31 -38.11
N PHE C 34 15.07 -27.31 -38.17
CA PHE C 34 15.93 -27.68 -37.06
C PHE C 34 17.07 -26.72 -36.83
N ILE C 35 17.05 -26.03 -35.69
CA ILE C 35 18.20 -25.28 -35.16
C ILE C 35 19.40 -26.23 -35.02
N LYS C 36 20.60 -25.79 -35.43
CA LYS C 36 21.82 -26.61 -35.37
C LYS C 36 22.95 -25.97 -34.54
N SER C 37 22.92 -24.64 -34.46
CA SER C 37 23.98 -23.91 -33.80
C SER C 37 23.42 -22.72 -33.08
N ALA C 38 24.20 -22.15 -32.17
CA ALA C 38 23.81 -20.88 -31.57
C ALA C 38 23.76 -19.83 -32.68
N GLU C 39 24.35 -20.14 -33.82
CA GLU C 39 24.24 -19.24 -34.98
C GLU C 39 22.84 -19.31 -35.60
N ASP C 40 22.38 -20.51 -35.96
CA ASP C 40 21.02 -20.68 -36.50
C ASP C 40 20.01 -19.97 -35.63
N LEU C 41 20.22 -20.08 -34.32
CA LEU C 41 19.39 -19.42 -33.32
C LEU C 41 19.57 -17.92 -33.44
N ASP C 42 20.80 -17.45 -33.40
CA ASP C 42 21.05 -16.02 -33.56
C ASP C 42 20.44 -15.40 -34.82
N LYS C 43 20.54 -16.08 -35.96
CA LYS C 43 19.81 -15.71 -37.18
C LYS C 43 18.35 -15.36 -36.88
N LEU C 44 17.64 -16.26 -36.19
CA LEU C 44 16.24 -16.03 -35.85
C LEU C 44 16.07 -14.80 -34.94
N ARG C 45 16.95 -14.63 -33.96
CA ARG C 45 16.87 -13.45 -33.12
C ARG C 45 17.07 -12.20 -33.97
N ASN C 46 17.93 -12.30 -34.98
CA ASN C 46 18.19 -11.17 -35.86
C ASN C 46 17.08 -10.92 -36.89
N ASP C 47 16.58 -11.99 -37.52
CA ASP C 47 15.56 -11.84 -38.54
C ASP C 47 14.23 -11.25 -38.05
N GLY C 48 14.15 -10.95 -36.75
CA GLY C 48 12.94 -10.39 -36.16
C GLY C 48 12.04 -11.43 -35.50
N TYR C 49 12.26 -12.68 -35.88
CA TYR C 49 11.36 -13.81 -35.62
C TYR C 49 10.87 -14.12 -34.18
N LEU C 50 11.60 -13.68 -33.15
CA LEU C 50 11.40 -14.23 -31.79
C LEU C 50 11.13 -13.17 -30.74
N MET C 51 9.87 -13.03 -30.34
CA MET C 51 9.48 -11.86 -29.58
C MET C 51 10.31 -11.67 -28.30
N PHE C 52 10.58 -12.78 -27.60
CA PHE C 52 11.42 -12.77 -26.40
C PHE C 52 12.78 -13.45 -26.64
N GLN C 53 13.22 -13.49 -27.90
CA GLN C 53 14.57 -14.00 -28.25
C GLN C 53 14.77 -15.52 -27.98
N GLN C 54 13.65 -16.27 -28.02
CA GLN C 54 13.51 -17.63 -27.46
C GLN C 54 12.76 -18.57 -28.35
N VAL C 55 12.97 -19.87 -28.12
CA VAL C 55 12.32 -20.93 -28.86
C VAL C 55 11.73 -21.90 -27.83
N PRO C 56 10.56 -22.50 -28.12
CA PRO C 56 9.90 -22.74 -29.42
C PRO C 56 9.33 -21.53 -30.18
N MET C 57 9.14 -21.72 -31.49
CA MET C 57 8.45 -20.79 -32.37
C MET C 57 7.79 -21.57 -33.50
N VAL C 58 6.52 -21.27 -33.76
CA VAL C 58 5.79 -21.82 -34.88
C VAL C 58 5.23 -20.68 -35.72
N GLU C 59 5.53 -20.70 -37.01
CA GLU C 59 4.88 -19.84 -38.01
C GLU C 59 3.50 -20.39 -38.35
N ILE C 60 2.47 -19.71 -37.88
CA ILE C 60 1.11 -20.21 -38.10
C ILE C 60 0.11 -19.08 -38.37
N ASP C 61 -0.75 -19.32 -39.37
CA ASP C 61 -1.76 -18.37 -39.83
C ASP C 61 -1.24 -16.93 -39.86
N GLY C 62 -0.07 -16.75 -40.49
CA GLY C 62 0.56 -15.45 -40.63
C GLY C 62 1.40 -14.99 -39.46
N MET C 63 1.23 -15.64 -38.32
CA MET C 63 1.89 -15.26 -37.06
C MET C 63 3.17 -16.04 -36.84
N LYS C 64 4.15 -15.39 -36.23
CA LYS C 64 5.27 -16.12 -35.65
C LYS C 64 4.97 -16.17 -34.16
N LEU C 65 4.58 -17.35 -33.70
CA LEU C 65 4.17 -17.57 -32.31
C LEU C 65 5.29 -18.07 -31.44
N VAL C 66 5.47 -17.45 -30.29
CA VAL C 66 6.42 -17.93 -29.26
C VAL C 66 5.69 -18.21 -27.95
N GLN C 67 6.42 -18.77 -26.97
CA GLN C 67 5.88 -19.29 -25.71
C GLN C 67 5.12 -20.58 -25.94
N THR C 68 5.56 -21.67 -25.34
CA THR C 68 4.97 -22.99 -25.49
C THR C 68 3.44 -22.96 -25.32
N ARG C 69 2.98 -22.31 -24.25
CA ARG C 69 1.56 -22.34 -23.91
C ARG C 69 0.71 -21.55 -24.91
N ALA C 70 1.28 -20.50 -25.51
CA ALA C 70 0.54 -19.74 -26.50
C ALA C 70 0.35 -20.57 -27.76
N ILE C 71 1.38 -21.31 -28.11
CA ILE C 71 1.32 -22.07 -29.34
C ILE C 71 0.25 -23.12 -29.24
N LEU C 72 0.24 -23.87 -28.13
CA LEU C 72 -0.73 -24.98 -27.92
C LEU C 72 -2.21 -24.56 -27.83
N ASN C 73 -2.51 -23.57 -26.98
CA ASN C 73 -3.83 -22.95 -26.94
C ASN C 73 -4.32 -22.62 -28.32
N TYR C 74 -3.41 -22.02 -29.11
CA TYR C 74 -3.80 -21.61 -30.42
C TYR C 74 -4.09 -22.80 -31.28
N ILE C 75 -3.31 -23.86 -31.21
CA ILE C 75 -3.62 -25.02 -32.02
C ILE C 75 -4.88 -25.71 -31.47
N ALA C 76 -4.95 -25.83 -30.15
CA ALA C 76 -6.12 -26.40 -29.46
C ALA C 76 -7.45 -25.74 -29.85
N SER C 77 -7.55 -24.43 -29.65
CA SER C 77 -8.76 -23.70 -29.98
C SER C 77 -9.15 -23.84 -31.45
N LYS C 78 -8.16 -23.71 -32.35
CA LYS C 78 -8.38 -23.77 -33.78
C LYS C 78 -8.98 -25.11 -34.21
N TYR C 79 -8.43 -26.21 -33.72
CA TYR C 79 -8.89 -27.50 -34.21
C TYR C 79 -9.86 -28.17 -33.26
N ASN C 80 -10.45 -27.34 -32.41
CA ASN C 80 -11.52 -27.71 -31.48
C ASN C 80 -11.16 -28.85 -30.54
N LEU C 81 -9.95 -28.77 -29.99
CA LEU C 81 -9.48 -29.71 -28.98
C LEU C 81 -9.30 -28.93 -27.66
N TYR C 82 -10.03 -27.83 -27.51
CA TYR C 82 -9.96 -27.04 -26.28
C TYR C 82 -11.29 -27.06 -25.51
N GLY C 83 -12.10 -28.10 -25.71
CA GLY C 83 -13.46 -28.14 -25.11
C GLY C 83 -14.49 -27.32 -25.86
N LYS C 84 -15.70 -27.19 -25.33
CA LYS C 84 -16.75 -26.52 -26.08
C LYS C 84 -17.32 -25.29 -25.38
N ASP C 85 -16.95 -25.07 -24.12
CA ASP C 85 -17.31 -23.79 -23.52
C ASP C 85 -16.36 -23.44 -22.40
N ILE C 86 -16.61 -22.30 -21.74
CA ILE C 86 -15.69 -21.74 -20.72
C ILE C 86 -15.47 -22.66 -19.53
N LYS C 87 -16.45 -23.50 -19.21
CA LYS C 87 -16.32 -24.38 -18.07
C LYS C 87 -15.51 -25.63 -18.45
N GLU C 88 -15.73 -26.16 -19.65
CA GLU C 88 -14.99 -27.34 -20.08
C GLU C 88 -13.51 -27.04 -20.33
N LYS C 89 -13.23 -25.87 -20.89
CA LYS C 89 -11.88 -25.28 -20.95
C LYS C 89 -11.15 -25.29 -19.62
N ALA C 90 -11.87 -24.94 -18.56
CA ALA C 90 -11.25 -24.76 -17.25
C ALA C 90 -10.85 -26.10 -16.69
N LEU C 91 -11.64 -27.13 -16.97
CA LEU C 91 -11.29 -28.49 -16.56
C LEU C 91 -10.04 -28.96 -17.31
N ILE C 92 -9.98 -28.65 -18.60
CA ILE C 92 -8.87 -29.02 -19.44
C ILE C 92 -7.57 -28.31 -19.00
N ASP C 93 -7.66 -27.01 -18.69
CA ASP C 93 -6.52 -26.27 -18.21
C ASP C 93 -6.02 -26.94 -16.96
N MET C 94 -6.87 -27.03 -15.94
CA MET C 94 -6.51 -27.76 -14.73
C MET C 94 -5.82 -29.11 -14.97
N TYR C 95 -6.32 -29.91 -15.91
CA TYR C 95 -5.71 -31.22 -16.17
C TYR C 95 -4.35 -31.09 -16.86
N ILE C 96 -4.27 -30.22 -17.87
CA ILE C 96 -3.04 -30.08 -18.60
C ILE C 96 -1.88 -29.44 -17.81
N GLU C 97 -2.19 -28.39 -17.02
CA GLU C 97 -1.22 -27.83 -16.08
C GLU C 97 -0.72 -28.88 -15.11
N GLY C 98 -1.60 -29.83 -14.76
CA GLY C 98 -1.19 -30.94 -13.92
C GLY C 98 -0.15 -31.75 -14.65
N ILE C 99 -0.48 -32.13 -15.89
CA ILE C 99 0.38 -32.94 -16.75
C ILE C 99 1.71 -32.24 -17.03
N ALA C 100 1.64 -30.94 -17.32
CA ALA C 100 2.82 -30.07 -17.54
C ALA C 100 3.76 -30.05 -16.33
N ASP C 101 3.18 -29.98 -15.12
CA ASP C 101 3.92 -30.03 -13.84
C ASP C 101 4.72 -31.28 -13.65
N LEU C 102 4.13 -32.44 -13.96
CA LEU C 102 4.87 -33.67 -13.92
C LEU C 102 5.83 -33.71 -15.11
N GLY C 103 5.44 -33.10 -16.24
CA GLY C 103 6.26 -33.00 -17.45
C GLY C 103 7.59 -32.30 -17.22
N GLU C 104 7.55 -31.19 -16.47
CA GLU C 104 8.76 -30.47 -16.07
C GLU C 104 9.75 -31.35 -15.34
N MET C 105 9.25 -32.17 -14.41
CA MET C 105 10.11 -32.97 -13.57
C MET C 105 10.88 -33.99 -14.40
N ILE C 106 10.17 -34.73 -15.27
CA ILE C 106 10.75 -35.63 -16.27
C ILE C 106 11.80 -34.94 -17.17
N GLY C 107 11.45 -33.76 -17.67
CA GLY C 107 12.40 -32.91 -18.41
C GLY C 107 13.65 -32.53 -17.62
N ASP C 108 13.47 -32.08 -16.38
CA ASP C 108 14.57 -31.76 -15.47
C ASP C 108 15.50 -32.96 -15.22
N LEU C 109 14.92 -34.10 -14.83
CA LEU C 109 15.66 -35.37 -14.66
C LEU C 109 16.57 -35.72 -15.84
N SER C 110 16.09 -35.53 -17.06
CA SER C 110 16.87 -35.87 -18.24
C SER C 110 17.99 -34.85 -18.54
N PHE C 111 17.90 -33.66 -17.96
CA PHE C 111 18.93 -32.65 -18.10
C PHE C 111 19.89 -32.59 -16.90
N SER C 112 19.70 -33.49 -15.93
CA SER C 112 20.57 -33.55 -14.74
C SER C 112 21.65 -34.58 -14.99
N GLN C 113 22.74 -34.50 -14.24
CA GLN C 113 23.81 -35.48 -14.38
C GLN C 113 23.56 -36.75 -13.56
N PRO C 114 24.32 -37.84 -13.85
CA PRO C 114 24.17 -39.13 -13.16
C PRO C 114 23.99 -39.02 -11.65
N GLU C 115 24.69 -38.06 -11.02
CA GLU C 115 24.74 -37.90 -9.56
C GLU C 115 23.40 -37.55 -8.93
N GLU C 116 22.63 -36.71 -9.62
CA GLU C 116 21.37 -36.21 -9.09
C GLU C 116 20.19 -37.00 -9.66
N GLN C 117 20.49 -38.00 -10.49
CA GLN C 117 19.47 -38.74 -11.23
C GLN C 117 18.68 -39.75 -10.40
N ASP C 118 19.35 -40.43 -9.46
CA ASP C 118 18.65 -41.41 -8.63
C ASP C 118 17.69 -40.74 -7.68
N ALA C 119 18.09 -39.60 -7.11
CA ALA C 119 17.22 -38.88 -6.17
C ALA C 119 16.02 -38.34 -6.93
N LYS C 120 16.28 -37.72 -8.09
CA LYS C 120 15.21 -37.11 -8.87
C LYS C 120 14.24 -38.11 -9.50
N LEU C 121 14.71 -39.28 -9.94
CA LEU C 121 13.79 -40.34 -10.37
C LEU C 121 12.88 -40.75 -9.22
N ALA C 122 13.44 -40.74 -8.02
CA ALA C 122 12.72 -41.17 -6.80
C ALA C 122 11.48 -40.33 -6.58
N LEU C 123 11.64 -39.01 -6.73
CA LEU C 123 10.54 -38.07 -6.54
C LEU C 123 9.45 -38.24 -7.60
N ILE C 124 9.90 -38.38 -8.85
CA ILE C 124 9.01 -38.60 -9.97
C ILE C 124 8.25 -39.91 -9.72
N GLN C 125 8.95 -40.93 -9.24
CA GLN C 125 8.30 -42.20 -8.95
C GLN C 125 7.24 -42.06 -7.85
N GLU C 126 7.58 -41.30 -6.81
CA GLU C 126 6.64 -40.91 -5.76
C GLU C 126 5.39 -40.13 -6.29
N LYS C 127 5.58 -38.92 -6.85
CA LYS C 127 4.45 -38.07 -7.33
C LYS C 127 3.54 -38.76 -8.39
N THR C 128 4.16 -39.60 -9.23
CA THR C 128 3.42 -40.36 -10.22
C THR C 128 2.37 -41.25 -9.56
N LYS C 129 2.82 -42.03 -8.58
CA LYS C 129 2.02 -43.05 -7.88
C LYS C 129 0.96 -42.52 -6.94
N ASN C 130 1.28 -41.46 -6.20
CA ASN C 130 0.35 -40.98 -5.14
C ASN C 130 -0.24 -39.57 -5.33
N ARG C 131 0.29 -38.80 -6.28
CA ARG C 131 -0.30 -37.49 -6.64
C ARG C 131 -1.00 -37.51 -8.00
N TYR C 132 -0.28 -37.92 -9.03
CA TYR C 132 -0.75 -37.68 -10.37
C TYR C 132 -1.61 -38.77 -11.01
N PHE C 133 -1.13 -40.01 -11.09
CA PHE C 133 -2.00 -41.05 -11.65
C PHE C 133 -3.35 -41.23 -10.87
N PRO C 134 -3.33 -41.19 -9.51
CA PRO C 134 -4.65 -41.18 -8.82
C PRO C 134 -5.57 -40.00 -9.18
N ALA C 135 -5.02 -38.82 -9.43
CA ALA C 135 -5.83 -37.71 -9.89
C ALA C 135 -6.52 -37.96 -11.24
N PHE C 136 -5.86 -38.67 -12.15
CA PHE C 136 -6.41 -38.94 -13.51
C PHE C 136 -7.13 -40.29 -13.69
N GLU C 137 -6.86 -41.24 -12.79
CA GLU C 137 -7.62 -42.48 -12.74
C GLU C 137 -9.03 -42.13 -12.24
N LYS C 138 -9.08 -41.22 -11.25
CA LYS C 138 -10.28 -40.61 -10.68
C LYS C 138 -11.23 -39.92 -11.69
N VAL C 139 -10.71 -39.00 -12.49
CA VAL C 139 -11.50 -38.34 -13.54
C VAL C 139 -12.01 -39.33 -14.59
N LEU C 140 -11.36 -40.46 -14.76
CA LEU C 140 -11.88 -41.40 -15.72
C LEU C 140 -12.98 -42.26 -15.09
N LYS C 141 -12.69 -42.83 -13.92
CA LYS C 141 -13.72 -43.46 -13.08
C LYS C 141 -15.06 -42.67 -13.03
N SER C 142 -15.05 -41.50 -12.39
CA SER C 142 -16.25 -40.68 -12.20
C SER C 142 -17.23 -40.51 -13.39
N HIS C 143 -16.79 -40.63 -14.64
CA HIS C 143 -17.77 -40.54 -15.72
C HIS C 143 -17.76 -41.69 -16.72
N GLY C 144 -16.79 -42.59 -16.60
CA GLY C 144 -16.73 -43.79 -17.44
C GLY C 144 -16.79 -43.62 -18.95
N GLN C 145 -16.59 -42.39 -19.43
CA GLN C 145 -16.52 -42.12 -20.85
C GLN C 145 -15.09 -42.34 -21.37
N ASP C 146 -14.91 -42.29 -22.68
CA ASP C 146 -13.62 -42.64 -23.29
C ASP C 146 -12.59 -41.54 -23.21
N TYR C 147 -13.06 -40.32 -22.96
CA TYR C 147 -12.22 -39.13 -23.01
C TYR C 147 -12.32 -38.47 -21.67
N LEU C 148 -11.48 -37.49 -21.42
CA LEU C 148 -11.48 -36.87 -20.11
C LEU C 148 -12.65 -35.90 -20.05
N VAL C 149 -12.68 -34.99 -21.01
CA VAL C 149 -13.63 -33.91 -20.94
C VAL C 149 -14.61 -33.92 -22.09
N GLY C 150 -15.89 -33.75 -21.72
CA GLY C 150 -16.96 -33.43 -22.66
C GLY C 150 -17.31 -34.53 -23.62
N ASN C 151 -16.87 -35.74 -23.30
CA ASN C 151 -17.03 -36.94 -24.13
C ASN C 151 -16.54 -36.81 -25.54
N LYS C 152 -15.43 -36.10 -25.69
CA LYS C 152 -14.85 -35.81 -26.99
C LYS C 152 -13.35 -35.58 -26.79
N LEU C 153 -12.59 -35.74 -27.86
CA LEU C 153 -11.13 -35.72 -27.79
C LEU C 153 -10.64 -34.32 -27.56
N SER C 154 -10.01 -34.08 -26.42
CA SER C 154 -9.48 -32.77 -26.12
C SER C 154 -7.97 -32.83 -26.09
N ARG C 155 -7.34 -31.70 -25.81
CA ARG C 155 -5.89 -31.65 -25.72
C ARG C 155 -5.46 -32.37 -24.46
N ALA C 156 -6.36 -32.52 -23.49
CA ALA C 156 -6.03 -33.18 -22.24
C ALA C 156 -5.75 -34.65 -22.52
N ASP C 157 -6.57 -35.27 -23.37
CA ASP C 157 -6.28 -36.64 -23.77
C ASP C 157 -4.88 -36.74 -24.36
N ILE C 158 -4.55 -35.82 -25.28
CA ILE C 158 -3.25 -35.78 -26.00
C ILE C 158 -2.01 -35.62 -25.08
N HIS C 159 -2.09 -34.67 -24.15
CA HIS C 159 -1.04 -34.43 -23.19
C HIS C 159 -0.85 -35.56 -22.20
N LEU C 160 -1.95 -36.14 -21.77
CA LEU C 160 -1.88 -37.16 -20.76
C LEU C 160 -1.18 -38.36 -21.34
N VAL C 161 -1.52 -38.70 -22.57
CA VAL C 161 -0.97 -39.89 -23.18
C VAL C 161 0.51 -39.75 -23.53
N GLU C 162 0.92 -38.58 -24.05
CA GLU C 162 2.33 -38.21 -24.18
C GLU C 162 3.02 -38.63 -22.87
N LEU C 163 2.61 -37.98 -21.77
CA LEU C 163 3.15 -38.25 -20.43
C LEU C 163 3.19 -39.75 -20.06
N LEU C 164 2.13 -40.50 -20.34
CA LEU C 164 2.15 -41.95 -20.07
C LEU C 164 3.33 -42.65 -20.75
N TYR C 165 3.67 -42.24 -21.99
CA TYR C 165 4.80 -42.82 -22.70
C TYR C 165 6.13 -42.41 -22.07
N TYR C 166 6.16 -41.25 -21.41
CA TYR C 166 7.40 -40.86 -20.73
C TYR C 166 7.54 -41.58 -19.42
N VAL C 167 6.42 -41.80 -18.75
CA VAL C 167 6.47 -42.44 -17.46
C VAL C 167 6.91 -43.90 -17.66
N GLU C 168 6.42 -44.49 -18.76
CA GLU C 168 6.76 -45.85 -19.22
C GLU C 168 8.26 -46.08 -19.37
N GLU C 169 8.91 -45.22 -20.18
CA GLU C 169 10.37 -45.05 -20.33
C GLU C 169 11.19 -45.12 -19.03
N LEU C 170 10.74 -44.39 -18.01
CA LEU C 170 11.41 -44.36 -16.70
C LEU C 170 11.16 -45.56 -15.79
N ASP C 171 9.98 -46.18 -15.88
CA ASP C 171 9.50 -47.17 -14.89
C ASP C 171 8.14 -47.72 -15.30
N SER C 172 8.18 -48.82 -16.04
CA SER C 172 6.98 -49.39 -16.67
C SER C 172 5.84 -49.81 -15.70
N SER C 173 6.14 -49.88 -14.41
CA SER C 173 5.21 -50.34 -13.39
C SER C 173 4.38 -49.24 -12.76
N LEU C 174 4.77 -47.98 -12.95
CA LEU C 174 4.08 -46.88 -12.26
C LEU C 174 2.57 -46.82 -12.57
N ILE C 175 2.19 -47.25 -13.78
CA ILE C 175 0.81 -47.22 -14.27
C ILE C 175 0.08 -48.57 -14.11
N SER C 176 0.79 -49.60 -13.68
CA SER C 176 0.22 -50.95 -13.64
C SER C 176 -1.08 -51.07 -12.83
N SER C 177 -1.22 -50.27 -11.77
CA SER C 177 -2.42 -50.27 -10.92
C SER C 177 -3.44 -49.20 -11.32
N PHE C 178 -3.27 -48.64 -12.51
CA PHE C 178 -4.21 -47.64 -13.04
C PHE C 178 -4.82 -48.07 -14.38
N PRO C 179 -5.85 -48.95 -14.33
CA PRO C 179 -6.45 -49.56 -15.52
C PRO C 179 -7.17 -48.63 -16.49
N LEU C 180 -7.79 -47.56 -16.00
CA LEU C 180 -8.49 -46.60 -16.89
C LEU C 180 -7.50 -45.78 -17.69
N LEU C 181 -6.34 -45.51 -17.09
CA LEU C 181 -5.25 -44.85 -17.80
C LEU C 181 -4.57 -45.78 -18.80
N LYS C 182 -4.38 -47.04 -18.40
CA LYS C 182 -3.89 -48.10 -19.27
C LYS C 182 -4.71 -48.18 -20.56
N ALA C 183 -6.03 -48.16 -20.45
CA ALA C 183 -6.94 -48.16 -21.61
C ALA C 183 -7.07 -46.83 -22.38
N LEU C 184 -6.93 -45.68 -21.69
CA LEU C 184 -7.00 -44.39 -22.39
C LEU C 184 -5.86 -44.37 -23.43
N LYS C 185 -4.69 -44.80 -22.97
CA LYS C 185 -3.51 -44.98 -23.82
C LYS C 185 -3.80 -45.77 -25.09
N THR C 186 -4.45 -46.92 -24.98
CA THR C 186 -4.76 -47.76 -26.17
C THR C 186 -5.66 -47.06 -27.19
N ARG C 187 -6.83 -46.59 -26.76
CA ARG C 187 -7.77 -45.92 -27.68
C ARG C 187 -7.11 -44.70 -28.33
N ILE C 188 -6.52 -43.82 -27.51
CA ILE C 188 -5.88 -42.57 -27.98
C ILE C 188 -4.75 -42.92 -28.93
N SER C 189 -3.87 -43.80 -28.47
CA SER C 189 -2.79 -44.34 -29.29
C SER C 189 -3.29 -45.09 -30.55
N ASN C 190 -4.56 -45.53 -30.53
CA ASN C 190 -5.17 -46.20 -31.68
C ASN C 190 -5.90 -45.27 -32.62
N LEU C 191 -6.09 -44.01 -32.19
CA LEU C 191 -6.67 -42.96 -33.04
C LEU C 191 -5.78 -42.74 -34.27
N PRO C 192 -6.39 -42.81 -35.46
CA PRO C 192 -5.73 -42.74 -36.77
C PRO C 192 -4.67 -41.67 -36.89
N THR C 193 -4.89 -40.46 -36.39
CA THR C 193 -3.88 -39.40 -36.53
C THR C 193 -2.69 -39.64 -35.61
N VAL C 194 -2.99 -40.10 -34.41
CA VAL C 194 -2.01 -40.40 -33.39
C VAL C 194 -1.27 -41.70 -33.73
N LYS C 195 -1.97 -42.61 -34.41
CA LYS C 195 -1.41 -43.86 -34.93
C LYS C 195 -0.20 -43.58 -35.81
N LYS C 196 -0.42 -42.71 -36.80
CA LYS C 196 0.60 -42.21 -37.71
C LYS C 196 1.75 -41.57 -36.92
N PHE C 197 1.42 -40.79 -35.90
CA PHE C 197 2.44 -40.12 -35.11
C PHE C 197 3.30 -41.09 -34.29
N LEU C 198 2.75 -42.21 -33.83
CA LEU C 198 3.61 -43.08 -33.03
C LEU C 198 4.39 -44.09 -33.89
N GLN C 199 3.97 -44.29 -35.14
CA GLN C 199 4.65 -45.24 -36.02
C GLN C 199 6.09 -44.74 -36.29
N PRO C 200 7.02 -45.67 -36.57
CA PRO C 200 8.43 -45.33 -36.84
C PRO C 200 8.57 -44.32 -37.97
N GLY C 201 9.49 -43.40 -37.82
CA GLY C 201 9.69 -42.39 -38.84
C GLY C 201 8.79 -41.19 -38.66
N SER C 202 7.99 -41.17 -37.60
CA SER C 202 7.18 -39.97 -37.43
C SER C 202 8.06 -38.82 -36.96
N PRO C 203 7.47 -37.61 -36.87
CA PRO C 203 8.25 -36.52 -36.34
C PRO C 203 8.45 -36.64 -34.83
N ARG C 204 8.17 -37.83 -34.27
CA ARG C 204 8.31 -38.00 -32.83
C ARG C 204 9.78 -38.06 -32.52
N LYS C 205 10.17 -37.31 -31.50
CA LYS C 205 11.55 -37.25 -31.08
C LYS C 205 11.87 -38.27 -29.94
N PRO C 206 13.10 -38.82 -29.96
CA PRO C 206 13.54 -39.77 -28.92
C PRO C 206 13.89 -39.11 -27.56
N PRO C 207 14.18 -39.94 -26.53
CA PRO C 207 14.75 -39.46 -25.27
C PRO C 207 16.13 -38.77 -25.47
N MET C 208 16.53 -37.94 -24.51
CA MET C 208 17.84 -37.31 -24.57
C MET C 208 18.91 -38.40 -24.46
N ASP C 209 20.02 -38.27 -25.19
CA ASP C 209 21.16 -39.15 -25.02
C ASP C 209 22.44 -38.31 -24.88
N GLU C 210 23.56 -38.95 -24.53
CA GLU C 210 24.78 -38.20 -24.21
C GLU C 210 25.07 -37.13 -25.28
N LYS C 211 24.75 -37.49 -26.52
CA LYS C 211 25.04 -36.70 -27.71
C LYS C 211 24.17 -35.44 -27.86
N SER C 212 22.84 -35.62 -27.82
CA SER C 212 21.85 -34.53 -27.89
C SER C 212 22.10 -33.42 -26.85
N LEU C 213 22.54 -33.82 -25.65
CA LEU C 213 22.76 -32.91 -24.53
C LEU C 213 23.88 -31.93 -24.80
N GLU C 214 24.78 -32.29 -25.72
CA GLU C 214 25.93 -31.47 -26.04
C GLU C 214 25.44 -30.25 -26.80
N GLU C 215 24.87 -30.51 -27.98
CA GLU C 215 24.20 -29.51 -28.82
C GLU C 215 23.35 -28.56 -27.98
N SER C 216 22.55 -29.14 -27.08
CA SER C 216 21.68 -28.38 -26.18
C SER C 216 22.42 -27.32 -25.37
N ARG C 217 23.49 -27.76 -24.69
CA ARG C 217 24.32 -26.83 -23.92
C ARG C 217 24.94 -25.79 -24.82
N LYS C 218 25.42 -26.22 -25.98
CA LYS C 218 26.11 -25.32 -26.88
C LYS C 218 25.16 -24.46 -27.72
N ILE C 219 23.96 -24.95 -28.00
CA ILE C 219 23.00 -24.18 -28.78
C ILE C 219 22.42 -23.01 -27.98
N PHE C 220 22.07 -23.27 -26.71
CA PHE C 220 21.32 -22.30 -25.94
C PHE C 220 22.17 -21.48 -24.96
N ARG C 221 23.49 -21.75 -24.90
CA ARG C 221 24.39 -21.11 -23.92
C ARG C 221 23.72 -20.02 -23.09
N HIS C 222 23.16 -20.45 -21.95
CA HIS C 222 22.14 -19.70 -21.21
C HIS C 222 22.64 -19.21 -19.88
N LYS D 4 -19.08 -14.39 -4.20
CA LYS D 4 -17.69 -14.14 -3.75
C LYS D 4 -16.89 -15.42 -3.91
N PRO D 5 -16.03 -15.48 -4.94
CA PRO D 5 -15.15 -16.64 -5.08
C PRO D 5 -14.18 -16.75 -3.90
N LYS D 6 -13.89 -17.97 -3.46
CA LYS D 6 -13.03 -18.15 -2.30
C LYS D 6 -11.64 -18.68 -2.66
N LEU D 7 -10.64 -17.96 -2.15
CA LEU D 7 -9.24 -18.15 -2.50
C LEU D 7 -8.50 -18.86 -1.39
N HIS D 8 -8.03 -20.06 -1.66
CA HIS D 8 -7.24 -20.81 -0.66
C HIS D 8 -5.76 -20.77 -0.87
N TYR D 9 -5.08 -20.01 -0.04
CA TYR D 9 -3.65 -19.85 -0.09
C TYR D 9 -3.18 -19.26 1.25
N SER D 10 -1.87 -19.22 1.50
CA SER D 10 -1.39 -18.62 2.73
C SER D 10 -1.43 -17.11 2.59
N ASN D 11 -0.82 -16.42 3.54
CA ASN D 11 -0.91 -14.97 3.61
C ASN D 11 0.15 -14.20 2.82
N ILE D 12 0.73 -14.86 1.81
CA ILE D 12 1.74 -14.22 0.97
C ILE D 12 1.20 -13.87 -0.41
N ARG D 13 1.96 -13.07 -1.18
CA ARG D 13 1.69 -12.90 -2.60
C ARG D 13 1.67 -14.25 -3.32
N GLY D 14 2.85 -14.86 -3.46
CA GLY D 14 3.01 -16.21 -4.01
C GLY D 14 2.36 -16.34 -5.36
N ARG D 15 1.95 -17.55 -5.72
CA ARG D 15 1.31 -17.79 -7.01
C ARG D 15 -0.13 -17.29 -7.03
N MET D 16 -0.63 -16.96 -5.85
CA MET D 16 -1.96 -16.39 -5.69
C MET D 16 -2.10 -14.92 -6.05
N GLU D 17 -1.01 -14.15 -6.01
CA GLU D 17 -1.14 -12.69 -6.17
C GLU D 17 -1.69 -12.19 -7.51
N SER D 18 -1.38 -12.90 -8.59
CA SER D 18 -1.85 -12.47 -9.91
C SER D 18 -3.36 -12.69 -10.10
N ILE D 19 -3.89 -13.75 -9.49
CA ILE D 19 -5.33 -14.00 -9.40
C ILE D 19 -5.99 -12.91 -8.52
N ARG D 20 -5.30 -12.50 -7.46
CA ARG D 20 -5.74 -11.37 -6.63
C ARG D 20 -5.96 -10.07 -7.45
N TRP D 21 -4.91 -9.57 -8.07
CA TRP D 21 -4.97 -8.48 -9.06
C TRP D 21 -6.06 -8.62 -10.13
N LEU D 22 -6.20 -9.80 -10.72
CA LEU D 22 -7.14 -10.00 -11.84
C LEU D 22 -8.63 -9.85 -11.48
N LEU D 23 -9.07 -10.50 -10.41
CA LEU D 23 -10.43 -10.37 -9.88
C LEU D 23 -10.67 -8.93 -9.47
N ALA D 24 -9.67 -8.36 -8.81
CA ALA D 24 -9.71 -6.95 -8.42
C ALA D 24 -9.80 -6.00 -9.61
N ALA D 25 -9.02 -6.25 -10.66
CA ALA D 25 -9.10 -5.40 -11.84
C ALA D 25 -10.45 -5.49 -12.56
N ALA D 26 -11.17 -6.61 -12.39
CA ALA D 26 -12.51 -6.84 -12.96
C ALA D 26 -13.70 -6.48 -12.04
N GLY D 27 -13.44 -5.87 -10.90
CA GLY D 27 -14.50 -5.39 -10.00
C GLY D 27 -15.08 -6.42 -9.03
N VAL D 28 -14.56 -7.65 -9.11
CA VAL D 28 -15.14 -8.83 -8.46
C VAL D 28 -14.67 -9.03 -7.02
N GLU D 29 -15.60 -8.91 -6.07
CA GLU D 29 -15.35 -9.08 -4.63
C GLU D 29 -15.17 -10.55 -4.27
N PHE D 30 -14.21 -10.85 -3.38
CA PHE D 30 -13.85 -12.24 -3.12
C PHE D 30 -13.43 -12.48 -1.70
N GLU D 31 -13.54 -13.73 -1.24
CA GLU D 31 -13.11 -14.12 0.10
C GLU D 31 -11.75 -14.78 0.12
N GLU D 32 -10.92 -14.36 1.07
CA GLU D 32 -9.66 -15.02 1.28
C GLU D 32 -9.67 -15.90 2.53
N LYS D 33 -9.40 -17.19 2.33
CA LYS D 33 -9.36 -18.18 3.41
C LYS D 33 -7.94 -18.73 3.53
N PHE D 34 -7.24 -18.19 4.52
CA PHE D 34 -5.80 -18.39 4.68
C PHE D 34 -5.39 -19.66 5.39
N ILE D 35 -4.33 -20.25 4.86
CA ILE D 35 -3.65 -21.38 5.47
C ILE D 35 -2.62 -20.80 6.45
N LYS D 36 -2.53 -21.37 7.64
CA LYS D 36 -1.53 -20.88 8.57
C LYS D 36 -0.55 -22.00 8.89
N SER D 37 -1.04 -23.22 8.74
CA SER D 37 -0.41 -24.40 9.31
C SER D 37 -0.34 -25.49 8.27
N ALA D 38 0.71 -26.31 8.34
CA ALA D 38 0.73 -27.58 7.61
C ALA D 38 -0.61 -28.31 7.80
N GLU D 39 -1.25 -28.04 8.94
CA GLU D 39 -2.49 -28.71 9.30
C GLU D 39 -3.66 -28.26 8.44
N ASP D 40 -3.85 -26.94 8.29
CA ASP D 40 -4.93 -26.42 7.46
C ASP D 40 -4.83 -27.03 6.07
N LEU D 41 -3.59 -27.13 5.58
CA LEU D 41 -3.31 -27.70 4.26
C LEU D 41 -3.65 -29.19 4.16
N ASP D 42 -3.01 -29.99 5.03
CA ASP D 42 -3.36 -31.40 5.19
C ASP D 42 -4.88 -31.57 5.21
N LYS D 43 -5.58 -30.65 5.88
CA LYS D 43 -7.03 -30.66 5.90
C LYS D 43 -7.63 -30.57 4.50
N LEU D 44 -7.28 -29.51 3.77
CA LEU D 44 -7.78 -29.30 2.41
C LEU D 44 -7.48 -30.50 1.53
N ARG D 45 -6.31 -31.09 1.76
CA ARG D 45 -5.88 -32.28 1.06
C ARG D 45 -6.80 -33.47 1.37
N ASN D 46 -7.04 -33.70 2.66
CA ASN D 46 -7.90 -34.80 3.14
C ASN D 46 -9.37 -34.68 2.72
N ASP D 47 -9.91 -33.47 2.87
CA ASP D 47 -11.25 -33.13 2.44
C ASP D 47 -11.48 -33.37 0.95
N GLY D 48 -10.41 -33.62 0.20
CA GLY D 48 -10.48 -33.84 -1.24
C GLY D 48 -10.69 -32.59 -2.08
N TYR D 49 -10.44 -31.43 -1.47
CA TYR D 49 -10.65 -30.11 -2.09
C TYR D 49 -9.65 -29.76 -3.22
N LEU D 50 -8.44 -30.32 -3.16
CA LEU D 50 -7.33 -29.96 -4.05
C LEU D 50 -6.86 -31.12 -4.94
N MET D 51 -7.22 -31.07 -6.21
CA MET D 51 -6.87 -32.10 -7.20
C MET D 51 -5.46 -32.71 -7.05
N PHE D 52 -4.43 -31.85 -7.01
CA PHE D 52 -3.03 -32.29 -6.94
C PHE D 52 -2.36 -31.93 -5.62
N GLN D 53 -3.16 -31.84 -4.56
CA GLN D 53 -2.68 -31.72 -3.18
C GLN D 53 -2.00 -30.36 -2.95
N GLN D 54 -2.40 -29.38 -3.75
CA GLN D 54 -1.65 -28.14 -3.92
C GLN D 54 -2.57 -26.95 -3.95
N VAL D 55 -2.05 -25.83 -3.44
CA VAL D 55 -2.67 -24.51 -3.60
C VAL D 55 -1.80 -23.65 -4.56
N PRO D 56 -2.36 -22.59 -5.19
CA PRO D 56 -3.69 -21.97 -5.20
C PRO D 56 -4.91 -22.89 -5.46
N MET D 57 -6.03 -22.54 -4.84
CA MET D 57 -7.35 -23.08 -5.15
C MET D 57 -8.37 -21.97 -4.98
N VAL D 58 -9.25 -21.86 -5.96
CA VAL D 58 -10.34 -20.89 -5.94
C VAL D 58 -11.68 -21.60 -6.19
N GLU D 59 -12.61 -21.45 -5.25
CA GLU D 59 -13.98 -21.88 -5.41
C GLU D 59 -14.71 -20.80 -6.24
N ILE D 60 -15.23 -21.19 -7.41
CA ILE D 60 -15.90 -20.24 -8.29
C ILE D 60 -16.83 -20.96 -9.27
N ASP D 61 -18.09 -20.56 -9.30
CA ASP D 61 -19.10 -21.12 -10.22
C ASP D 61 -19.22 -22.65 -10.14
N GLY D 62 -19.05 -23.21 -8.93
CA GLY D 62 -19.16 -24.67 -8.72
C GLY D 62 -17.84 -25.41 -8.49
N MET D 63 -16.84 -25.05 -9.28
CA MET D 63 -15.51 -25.68 -9.29
C MET D 63 -14.63 -25.40 -8.05
N LYS D 64 -13.85 -26.42 -7.63
CA LYS D 64 -12.76 -26.22 -6.67
C LYS D 64 -11.46 -26.14 -7.48
N LEU D 65 -11.31 -25.01 -8.17
CA LEU D 65 -10.30 -24.81 -9.21
C LEU D 65 -8.86 -24.73 -8.74
N VAL D 66 -8.05 -25.66 -9.25
CA VAL D 66 -6.61 -25.59 -8.98
C VAL D 66 -5.73 -25.29 -10.21
N GLN D 67 -4.46 -25.00 -9.92
CA GLN D 67 -3.46 -24.55 -10.89
C GLN D 67 -3.70 -23.12 -11.29
N THR D 68 -2.71 -22.28 -10.99
CA THR D 68 -2.71 -20.86 -11.33
C THR D 68 -3.28 -20.58 -12.72
N ARG D 69 -2.86 -21.34 -13.73
CA ARG D 69 -3.20 -20.95 -15.11
C ARG D 69 -4.63 -21.23 -15.52
N ALA D 70 -5.18 -22.32 -15.00
CA ALA D 70 -6.58 -22.63 -15.10
C ALA D 70 -7.43 -21.58 -14.37
N ILE D 71 -7.11 -21.28 -13.13
CA ILE D 71 -7.81 -20.20 -12.42
C ILE D 71 -7.90 -18.93 -13.28
N LEU D 72 -6.74 -18.48 -13.77
CA LEU D 72 -6.65 -17.21 -14.48
C LEU D 72 -7.35 -17.26 -15.81
N ASN D 73 -7.25 -18.39 -16.51
CA ASN D 73 -8.00 -18.58 -17.74
C ASN D 73 -9.51 -18.44 -17.54
N TYR D 74 -10.05 -19.12 -16.53
CA TYR D 74 -11.46 -19.02 -16.21
C TYR D 74 -11.91 -17.59 -15.92
N ILE D 75 -11.20 -16.90 -15.04
CA ILE D 75 -11.56 -15.54 -14.66
C ILE D 75 -11.40 -14.55 -15.83
N ALA D 76 -10.23 -14.54 -16.46
CA ALA D 76 -10.06 -13.74 -17.67
C ALA D 76 -11.19 -13.89 -18.69
N SER D 77 -11.63 -15.13 -18.94
CA SER D 77 -12.72 -15.39 -19.90
C SER D 77 -14.04 -14.83 -19.35
N LYS D 78 -14.43 -15.30 -18.17
CA LYS D 78 -15.70 -14.86 -17.59
C LYS D 78 -15.96 -13.36 -17.63
N TYR D 79 -14.94 -12.52 -17.54
CA TYR D 79 -15.19 -11.06 -17.46
C TYR D 79 -14.67 -10.24 -18.62
N ASN D 80 -14.55 -10.91 -19.77
CA ASN D 80 -14.18 -10.27 -21.03
C ASN D 80 -12.83 -9.54 -20.98
N LEU D 81 -11.87 -10.18 -20.30
CA LEU D 81 -10.46 -9.77 -20.23
C LEU D 81 -9.53 -10.75 -20.97
N TYR D 82 -10.09 -11.67 -21.76
CA TYR D 82 -9.24 -12.62 -22.47
C TYR D 82 -9.38 -12.47 -23.97
N GLY D 83 -9.84 -11.29 -24.38
CA GLY D 83 -9.84 -10.90 -25.79
C GLY D 83 -11.06 -11.33 -26.59
N LYS D 84 -11.08 -10.98 -27.87
CA LYS D 84 -12.27 -11.17 -28.69
C LYS D 84 -12.36 -12.53 -29.37
N ASP D 85 -11.27 -12.94 -30.01
CA ASP D 85 -11.29 -14.19 -30.78
C ASP D 85 -10.00 -14.96 -30.57
N ILE D 86 -9.81 -16.00 -31.39
CA ILE D 86 -8.75 -16.99 -31.20
C ILE D 86 -7.40 -16.38 -31.53
N LYS D 87 -7.38 -15.57 -32.58
CA LYS D 87 -6.21 -14.80 -33.01
C LYS D 87 -5.79 -13.75 -31.96
N GLU D 88 -6.75 -13.05 -31.38
CA GLU D 88 -6.43 -12.13 -30.28
C GLU D 88 -6.01 -12.83 -28.99
N LYS D 89 -6.62 -13.96 -28.66
CA LYS D 89 -6.07 -14.79 -27.57
C LYS D 89 -4.58 -15.17 -27.75
N ALA D 90 -4.15 -15.44 -28.98
CA ALA D 90 -2.76 -15.88 -29.17
C ALA D 90 -1.72 -14.80 -28.80
N LEU D 91 -2.09 -13.55 -28.96
CA LEU D 91 -1.21 -12.43 -28.65
C LEU D 91 -1.09 -12.26 -27.14
N ILE D 92 -2.23 -12.28 -26.47
CA ILE D 92 -2.34 -12.24 -25.01
C ILE D 92 -1.58 -13.41 -24.39
N ASP D 93 -1.77 -14.61 -24.96
CA ASP D 93 -1.08 -15.82 -24.49
C ASP D 93 0.43 -15.64 -24.55
N MET D 94 0.99 -15.64 -25.75
CA MET D 94 2.40 -15.20 -25.99
C MET D 94 2.91 -14.15 -24.97
N TYR D 95 2.16 -13.07 -24.82
CA TYR D 95 2.58 -11.94 -23.98
C TYR D 95 2.56 -12.27 -22.51
N ILE D 96 1.49 -12.89 -22.06
CA ILE D 96 1.45 -13.10 -20.61
C ILE D 96 2.31 -14.29 -20.21
N GLU D 97 2.55 -15.22 -21.12
CA GLU D 97 3.44 -16.31 -20.74
C GLU D 97 4.86 -15.78 -20.65
N GLY D 98 5.10 -14.67 -21.34
CA GLY D 98 6.40 -14.03 -21.30
C GLY D 98 6.51 -13.14 -20.08
N ILE D 99 5.39 -12.52 -19.71
CA ILE D 99 5.31 -11.68 -18.50
C ILE D 99 5.48 -12.65 -17.36
N ALA D 100 4.91 -13.84 -17.55
CA ALA D 100 5.02 -14.91 -16.57
C ALA D 100 6.45 -15.35 -16.35
N ASP D 101 7.27 -15.34 -17.39
CA ASP D 101 8.58 -15.96 -17.28
C ASP D 101 9.45 -15.08 -16.44
N LEU D 102 9.27 -13.78 -16.58
CA LEU D 102 10.04 -12.84 -15.78
C LEU D 102 9.58 -12.86 -14.34
N GLY D 103 8.28 -13.05 -14.12
CA GLY D 103 7.72 -13.15 -12.75
C GLY D 103 8.34 -14.30 -11.97
N GLU D 104 8.55 -15.42 -12.67
CA GLU D 104 9.25 -16.57 -12.15
C GLU D 104 10.61 -16.22 -11.61
N MET D 105 11.33 -15.33 -12.31
CA MET D 105 12.65 -14.93 -11.90
C MET D 105 12.54 -14.12 -10.61
N ILE D 106 11.61 -13.16 -10.59
CA ILE D 106 11.37 -12.36 -9.39
C ILE D 106 10.89 -13.21 -8.20
N GLY D 107 10.03 -14.19 -8.46
CA GLY D 107 9.48 -15.03 -7.38
C GLY D 107 10.52 -15.89 -6.69
N ASP D 108 11.31 -16.60 -7.51
CA ASP D 108 12.50 -17.36 -7.11
C ASP D 108 13.44 -16.56 -6.21
N LEU D 109 13.87 -15.41 -6.74
CA LEU D 109 14.71 -14.45 -6.02
C LEU D 109 14.22 -14.10 -4.60
N SER D 110 12.93 -13.80 -4.48
CA SER D 110 12.31 -13.47 -3.18
C SER D 110 12.28 -14.66 -2.19
N PHE D 111 12.44 -15.87 -2.72
CA PHE D 111 12.46 -17.09 -1.90
C PHE D 111 13.89 -17.56 -1.62
N SER D 112 14.87 -16.74 -2.00
CA SER D 112 16.27 -16.98 -1.68
C SER D 112 16.69 -16.24 -0.40
N GLN D 113 17.40 -16.96 0.47
CA GLN D 113 18.05 -16.34 1.62
C GLN D 113 19.15 -15.46 1.05
N PRO D 114 19.28 -14.19 1.53
CA PRO D 114 20.11 -13.13 0.93
C PRO D 114 21.48 -13.56 0.35
N GLU D 115 21.89 -14.79 0.67
CA GLU D 115 23.06 -15.47 0.10
C GLU D 115 23.00 -15.55 -1.43
N GLU D 116 21.82 -15.81 -1.97
CA GLU D 116 21.63 -15.94 -3.41
C GLU D 116 20.87 -14.75 -4.02
N GLN D 117 20.91 -13.60 -3.36
CA GLN D 117 20.10 -12.46 -3.82
C GLN D 117 20.80 -11.42 -4.74
N ASP D 118 22.13 -11.34 -4.64
CA ASP D 118 22.92 -10.45 -5.51
C ASP D 118 23.08 -11.09 -6.89
N ALA D 119 23.50 -12.36 -6.91
CA ALA D 119 23.66 -13.17 -8.12
C ALA D 119 22.39 -13.17 -8.97
N LYS D 120 21.26 -13.41 -8.31
CA LYS D 120 19.96 -13.43 -8.98
C LYS D 120 19.47 -12.04 -9.44
N LEU D 121 19.75 -10.99 -8.67
CA LEU D 121 19.44 -9.61 -9.06
C LEU D 121 20.04 -9.22 -10.41
N ALA D 122 21.21 -9.78 -10.73
CA ALA D 122 21.95 -9.37 -11.91
C ALA D 122 21.27 -9.77 -13.22
N LEU D 123 20.95 -11.06 -13.36
CA LEU D 123 20.25 -11.54 -14.56
C LEU D 123 18.89 -10.86 -14.79
N ILE D 124 18.16 -10.59 -13.71
CA ILE D 124 16.86 -9.91 -13.76
C ILE D 124 17.02 -8.53 -14.42
N GLN D 125 18.08 -7.82 -14.06
CA GLN D 125 18.26 -6.43 -14.52
C GLN D 125 18.59 -6.43 -16.00
N GLU D 126 19.49 -7.34 -16.39
CA GLU D 126 19.85 -7.59 -17.79
C GLU D 126 18.64 -8.04 -18.64
N LYS D 127 18.02 -9.16 -18.28
CA LYS D 127 16.87 -9.71 -19.00
C LYS D 127 15.69 -8.74 -19.03
N THR D 128 15.62 -7.83 -18.05
CA THR D 128 14.54 -6.86 -18.00
C THR D 128 14.64 -5.85 -19.12
N LYS D 129 15.75 -5.11 -19.14
CA LYS D 129 15.89 -4.00 -20.06
C LYS D 129 16.30 -4.47 -21.44
N ASN D 130 17.10 -5.54 -21.51
CA ASN D 130 17.58 -6.03 -22.80
C ASN D 130 16.68 -7.06 -23.50
N ARG D 131 15.76 -7.70 -22.76
CA ARG D 131 14.85 -8.71 -23.36
C ARG D 131 13.33 -8.43 -23.24
N TYR D 132 12.86 -8.08 -22.04
CA TYR D 132 11.42 -8.01 -21.79
C TYR D 132 10.81 -6.65 -21.98
N PHE D 133 11.23 -5.65 -21.20
CA PHE D 133 10.72 -4.31 -21.40
C PHE D 133 10.73 -3.88 -22.89
N PRO D 134 11.82 -4.18 -23.63
CA PRO D 134 11.81 -3.72 -25.02
C PRO D 134 10.80 -4.44 -25.89
N ALA D 135 10.63 -5.76 -25.73
CA ALA D 135 9.62 -6.49 -26.51
C ALA D 135 8.22 -5.93 -26.27
N PHE D 136 7.95 -5.49 -25.04
CA PHE D 136 6.60 -5.00 -24.71
C PHE D 136 6.41 -3.55 -25.13
N GLU D 137 7.44 -2.72 -24.91
CA GLU D 137 7.50 -1.38 -25.52
C GLU D 137 7.34 -1.45 -27.05
N LYS D 138 7.98 -2.43 -27.70
CA LYS D 138 7.77 -2.69 -29.14
C LYS D 138 6.29 -2.95 -29.48
N VAL D 139 5.59 -3.70 -28.62
CA VAL D 139 4.15 -3.91 -28.85
C VAL D 139 3.40 -2.55 -28.80
N LEU D 140 3.60 -1.83 -27.71
CA LEU D 140 2.99 -0.51 -27.55
C LEU D 140 3.46 0.53 -28.58
N LYS D 141 4.76 0.58 -28.84
CA LYS D 141 5.38 1.52 -29.77
C LYS D 141 4.97 1.37 -31.24
N SER D 142 4.15 0.37 -31.55
CA SER D 142 3.76 0.16 -32.95
C SER D 142 2.25 0.01 -33.22
N HIS D 143 1.43 0.52 -32.31
CA HIS D 143 0.07 0.92 -32.64
C HIS D 143 -0.44 2.04 -31.76
N GLY D 144 0.47 2.63 -30.97
CA GLY D 144 0.15 3.73 -30.05
C GLY D 144 -1.15 3.63 -29.26
N GLN D 145 -1.83 2.48 -29.31
CA GLN D 145 -3.11 2.32 -28.58
C GLN D 145 -2.88 2.14 -27.09
N ASP D 146 -3.83 2.62 -26.29
CA ASP D 146 -3.73 2.61 -24.83
C ASP D 146 -3.60 1.23 -24.19
N TYR D 147 -3.81 0.18 -25.00
CA TYR D 147 -3.92 -1.20 -24.51
C TYR D 147 -3.15 -2.19 -25.37
N LEU D 148 -2.60 -3.22 -24.73
CA LEU D 148 -1.72 -4.16 -25.42
C LEU D 148 -2.41 -4.83 -26.60
N VAL D 149 -3.66 -5.23 -26.41
CA VAL D 149 -4.38 -6.00 -27.43
C VAL D 149 -5.82 -5.51 -27.58
N GLY D 150 -6.22 -5.19 -28.82
CA GLY D 150 -7.62 -4.95 -29.17
C GLY D 150 -8.16 -3.61 -28.72
N ASN D 151 -7.26 -2.66 -28.50
CA ASN D 151 -7.56 -1.33 -27.94
C ASN D 151 -8.55 -1.38 -26.77
N LYS D 152 -8.53 -2.49 -26.05
CA LYS D 152 -9.45 -2.70 -24.95
C LYS D 152 -8.66 -3.40 -23.87
N LEU D 153 -9.16 -3.32 -22.62
CA LEU D 153 -8.43 -3.85 -21.46
C LEU D 153 -8.49 -5.37 -21.42
N SER D 154 -7.32 -5.99 -21.36
CA SER D 154 -7.27 -7.43 -21.23
C SER D 154 -6.41 -7.77 -20.02
N ARG D 155 -6.48 -9.04 -19.60
CA ARG D 155 -5.58 -9.59 -18.57
C ARG D 155 -4.11 -9.29 -18.90
N ALA D 156 -3.81 -9.04 -20.17
CA ALA D 156 -2.43 -8.77 -20.59
C ALA D 156 -1.96 -7.45 -19.99
N ASP D 157 -2.83 -6.44 -19.98
CA ASP D 157 -2.48 -5.12 -19.45
C ASP D 157 -2.29 -5.16 -17.94
N ILE D 158 -2.99 -6.07 -17.28
CA ILE D 158 -2.98 -6.20 -15.84
C ILE D 158 -1.72 -6.87 -15.33
N HIS D 159 -1.43 -8.05 -15.87
CA HIS D 159 -0.20 -8.78 -15.59
C HIS D 159 1.04 -8.03 -15.89
N LEU D 160 1.05 -7.30 -16.99
CA LEU D 160 2.18 -6.45 -17.28
C LEU D 160 2.33 -5.52 -16.11
N VAL D 161 1.27 -4.76 -15.79
CA VAL D 161 1.39 -3.65 -14.83
C VAL D 161 1.68 -4.08 -13.39
N GLU D 162 1.14 -5.22 -12.97
CA GLU D 162 1.57 -5.87 -11.74
C GLU D 162 3.09 -6.10 -11.77
N LEU D 163 3.58 -6.82 -12.78
CA LEU D 163 4.99 -7.17 -12.84
C LEU D 163 5.85 -5.90 -12.82
N LEU D 164 5.38 -4.84 -13.49
CA LEU D 164 6.12 -3.55 -13.51
C LEU D 164 6.29 -2.99 -12.09
N TYR D 165 5.33 -3.28 -11.21
CA TYR D 165 5.44 -2.87 -9.81
C TYR D 165 6.51 -3.65 -9.04
N TYR D 166 6.76 -4.88 -9.45
CA TYR D 166 7.77 -5.68 -8.78
C TYR D 166 9.16 -5.28 -9.22
N VAL D 167 9.25 -5.01 -10.53
CA VAL D 167 10.46 -4.52 -11.13
C VAL D 167 10.77 -3.12 -10.60
N GLU D 168 9.76 -2.30 -10.31
CA GLU D 168 10.01 -1.02 -9.60
C GLU D 168 10.61 -1.30 -8.22
N GLU D 169 10.02 -2.28 -7.52
CA GLU D 169 10.41 -2.65 -6.15
C GLU D 169 11.88 -3.04 -6.05
N LEU D 170 12.46 -3.54 -7.14
CA LEU D 170 13.80 -4.12 -7.13
C LEU D 170 14.87 -3.24 -7.80
N ASP D 171 14.45 -2.20 -8.55
CA ASP D 171 15.37 -1.34 -9.32
C ASP D 171 14.57 -0.33 -10.15
N SER D 172 14.31 0.83 -9.53
CA SER D 172 13.42 1.87 -10.05
C SER D 172 13.78 2.33 -11.44
N SER D 173 14.99 1.99 -11.86
CA SER D 173 15.57 2.56 -13.06
C SER D 173 15.42 1.64 -14.27
N LEU D 174 15.04 0.39 -14.07
CA LEU D 174 14.84 -0.55 -15.19
C LEU D 174 13.80 -0.04 -16.19
N ILE D 175 12.76 0.60 -15.66
CA ILE D 175 11.68 1.26 -16.42
C ILE D 175 12.00 2.67 -17.02
N SER D 176 13.05 3.33 -16.55
CA SER D 176 13.38 4.71 -16.98
C SER D 176 13.40 4.96 -18.51
N SER D 177 13.92 3.99 -19.24
CA SER D 177 14.14 4.14 -20.68
C SER D 177 12.96 3.59 -21.48
N PHE D 178 11.76 3.70 -20.91
CA PHE D 178 10.58 3.00 -21.44
C PHE D 178 9.25 3.77 -21.33
N PRO D 179 9.12 4.93 -22.01
CA PRO D 179 8.02 5.88 -21.78
C PRO D 179 6.65 5.29 -22.15
N LEU D 180 6.65 4.25 -22.96
CA LEU D 180 5.40 3.63 -23.39
C LEU D 180 4.91 2.64 -22.32
N LEU D 181 5.83 1.90 -21.71
CA LEU D 181 5.51 1.09 -20.53
C LEU D 181 5.23 1.97 -19.31
N LYS D 182 5.97 3.06 -19.18
CA LYS D 182 5.74 4.08 -18.15
C LYS D 182 4.30 4.59 -18.19
N ALA D 183 3.83 4.95 -19.37
CA ALA D 183 2.49 5.49 -19.50
C ALA D 183 1.43 4.45 -19.15
N LEU D 184 1.58 3.23 -19.66
CA LEU D 184 0.56 2.19 -19.52
C LEU D 184 0.30 1.98 -18.04
N LYS D 185 1.38 1.89 -17.29
CA LYS D 185 1.32 1.67 -15.86
C LYS D 185 0.44 2.74 -15.23
N THR D 186 0.61 3.97 -15.72
CA THR D 186 -0.15 5.12 -15.27
C THR D 186 -1.64 5.01 -15.57
N ARG D 187 -2.01 4.88 -16.83
CA ARG D 187 -3.43 4.62 -17.20
C ARG D 187 -4.04 3.46 -16.40
N ILE D 188 -3.40 2.31 -16.39
CA ILE D 188 -3.93 1.15 -15.64
C ILE D 188 -4.09 1.43 -14.13
N SER D 189 -3.07 1.98 -13.49
CA SER D 189 -3.15 2.29 -12.06
C SER D 189 -4.23 3.31 -11.75
N ASN D 190 -4.78 3.96 -12.78
CA ASN D 190 -5.87 4.89 -12.53
C ASN D 190 -7.27 4.43 -12.87
N LEU D 191 -7.37 3.26 -13.53
CA LEU D 191 -8.64 2.56 -13.65
C LEU D 191 -9.22 2.32 -12.27
N PRO D 192 -10.41 2.86 -11.98
CA PRO D 192 -11.06 2.76 -10.67
C PRO D 192 -10.87 1.44 -9.90
N THR D 193 -11.01 0.30 -10.57
CA THR D 193 -10.91 -1.00 -9.92
C THR D 193 -9.51 -1.29 -9.52
N VAL D 194 -8.57 -0.90 -10.38
CA VAL D 194 -7.15 -1.03 -10.10
C VAL D 194 -6.69 0.03 -9.09
N LYS D 195 -7.33 1.20 -9.10
CA LYS D 195 -7.05 2.29 -8.12
C LYS D 195 -7.42 1.93 -6.67
N LYS D 196 -8.65 1.47 -6.44
CA LYS D 196 -9.00 0.81 -5.18
C LYS D 196 -8.09 -0.39 -4.80
N PHE D 197 -7.67 -1.24 -5.75
CA PHE D 197 -6.79 -2.36 -5.39
C PHE D 197 -5.39 -1.92 -4.91
N LEU D 198 -4.93 -0.77 -5.39
CA LEU D 198 -3.62 -0.29 -4.98
C LEU D 198 -3.68 0.60 -3.73
N GLN D 199 -4.87 0.72 -3.14
CA GLN D 199 -5.06 1.52 -1.94
C GLN D 199 -4.47 0.79 -0.73
N PRO D 200 -4.00 1.54 0.30
CA PRO D 200 -3.70 0.94 1.61
C PRO D 200 -4.94 0.24 2.17
N GLY D 201 -4.74 -0.84 2.92
CA GLY D 201 -5.87 -1.66 3.37
C GLY D 201 -6.39 -2.69 2.39
N SER D 202 -6.06 -2.55 1.10
CA SER D 202 -6.52 -3.50 0.06
C SER D 202 -5.99 -4.92 0.27
N PRO D 203 -6.53 -5.90 -0.48
CA PRO D 203 -6.02 -7.25 -0.32
C PRO D 203 -4.77 -7.49 -1.17
N ARG D 204 -4.12 -6.41 -1.61
CA ARG D 204 -2.79 -6.55 -2.23
C ARG D 204 -1.75 -6.93 -1.19
N LYS D 205 -0.78 -7.73 -1.58
CA LYS D 205 0.13 -8.32 -0.62
C LYS D 205 1.50 -7.68 -0.68
N PRO D 206 2.20 -7.63 0.45
CA PRO D 206 3.55 -7.08 0.45
C PRO D 206 4.56 -8.11 -0.09
N PRO D 207 5.80 -7.68 -0.32
CA PRO D 207 6.79 -8.63 -0.82
C PRO D 207 7.22 -9.60 0.28
N MET D 208 7.95 -10.64 -0.12
CA MET D 208 8.54 -11.58 0.83
C MET D 208 9.52 -10.91 1.83
N ASP D 209 9.49 -11.40 3.06
CA ASP D 209 10.44 -11.02 4.11
C ASP D 209 10.78 -12.25 4.94
N GLU D 210 11.77 -12.16 5.83
CA GLU D 210 12.22 -13.32 6.61
C GLU D 210 11.08 -14.11 7.28
N LYS D 211 10.18 -13.37 7.94
CA LYS D 211 9.05 -13.92 8.69
C LYS D 211 8.10 -14.75 7.84
N SER D 212 7.81 -14.26 6.64
CA SER D 212 6.88 -14.93 5.74
C SER D 212 7.58 -16.09 5.08
N LEU D 213 8.85 -15.88 4.72
CA LEU D 213 9.72 -16.96 4.22
C LEU D 213 9.81 -18.10 5.22
N GLU D 214 9.93 -17.73 6.50
CA GLU D 214 10.02 -18.67 7.61
C GLU D 214 8.83 -19.63 7.63
N GLU D 215 7.62 -19.09 7.73
CA GLU D 215 6.43 -19.92 7.94
C GLU D 215 5.99 -20.62 6.66
N SER D 216 6.57 -20.20 5.54
CA SER D 216 6.29 -20.82 4.25
C SER D 216 6.79 -22.27 4.19
N ARG D 217 8.08 -22.46 4.45
CA ARG D 217 8.69 -23.79 4.50
C ARG D 217 7.95 -24.67 5.49
N LYS D 218 7.58 -24.08 6.62
CA LYS D 218 6.75 -24.73 7.62
C LYS D 218 5.41 -25.22 7.05
N ILE D 219 4.76 -24.36 6.26
CA ILE D 219 3.47 -24.73 5.65
C ILE D 219 3.67 -25.79 4.57
N PHE D 220 4.72 -25.63 3.75
CA PHE D 220 5.01 -26.53 2.64
C PHE D 220 6.27 -27.35 2.87
N1 GSH E . -8.14 18.17 19.76
CA1 GSH E . -8.52 16.95 19.04
C1 GSH E . -7.39 15.93 18.98
O11 GSH E . -6.43 16.26 18.26
O12 GSH E . -7.43 14.80 19.57
CB1 GSH E . -9.87 16.39 19.50
CG1 GSH E . -10.16 14.97 19.00
CD1 GSH E . -11.61 14.72 18.60
OE1 GSH E . -12.41 15.64 18.46
N2 GSH E . -11.94 13.43 18.41
CA2 GSH E . -13.17 13.01 17.77
C2 GSH E . -14.10 12.44 18.79
O2 GSH E . -13.66 11.67 19.63
CB2 GSH E . -12.89 11.97 16.68
SG2 GSH E . -12.10 12.59 15.15
N3 GSH E . -15.38 12.83 18.76
CA3 GSH E . -16.32 12.42 19.80
C3 GSH E . -16.76 13.56 20.70
O31 GSH E . -17.69 13.39 21.51
O32 GSH E . -16.20 14.66 20.62
N1 GSH F . -1.33 28.15 12.76
CA1 GSH F . -2.00 29.36 13.20
C1 GSH F . -1.08 29.99 14.21
O11 GSH F . -1.18 29.47 15.33
O12 GSH F . -0.25 30.91 13.95
CB1 GSH F . -2.38 30.16 11.97
CG1 GSH F . -2.39 31.67 12.16
CD1 GSH F . -3.52 32.30 11.36
OE1 GSH F . -4.31 31.67 10.65
N2 GSH F . -3.52 33.62 11.52
CA2 GSH F . -4.38 34.52 10.79
C2 GSH F . -3.71 35.03 9.53
O2 GSH F . -2.56 35.44 9.60
CB2 GSH F . -4.78 35.59 11.81
SG2 GSH F . -5.74 34.84 13.15
N3 GSH F . -4.39 35.00 8.37
CA3 GSH F . -3.80 35.27 7.06
C3 GSH F . -3.77 34.13 6.06
O31 GSH F . -3.63 34.39 4.84
O32 GSH F . -3.88 32.95 6.46
N1 GSH G . 8.63 -19.98 -21.22
CA1 GSH G . 9.29 -20.88 -22.15
C1 GSH G . 8.35 -21.22 -23.29
O11 GSH G . 7.36 -21.90 -23.03
O12 GSH G . 8.53 -20.87 -24.46
CB1 GSH G . 10.61 -20.27 -22.61
CG1 GSH G . 11.36 -21.15 -23.62
CD1 GSH G . 12.86 -21.18 -23.37
OE1 GSH G . 13.28 -20.99 -22.23
N2 GSH G . 13.61 -21.41 -24.46
CA2 GSH G . 14.98 -21.86 -24.45
C2 GSH G . 15.91 -20.78 -25.00
O2 GSH G . 15.60 -20.04 -25.91
CB2 GSH G . 15.13 -23.20 -25.21
SG2 GSH G . 14.29 -24.70 -24.56
N3 GSH G . 17.11 -20.63 -24.45
CA3 GSH G . 17.94 -19.49 -24.84
C3 GSH G . 17.47 -18.20 -24.19
O31 GSH G . 18.09 -17.16 -24.48
O32 GSH G . 16.48 -18.21 -23.42
N1 GSH H . 1.81 -25.44 -11.21
CA1 GSH H . 1.65 -24.75 -9.92
C1 GSH H . 0.46 -23.81 -9.94
O11 GSH H . 0.54 -22.81 -10.69
O12 GSH H . -0.57 -23.99 -9.22
CB1 GSH H . 1.68 -25.76 -8.77
CG1 GSH H . 1.27 -25.21 -7.39
CD1 GSH H . 2.34 -25.33 -6.32
OE1 GSH H . 3.46 -25.76 -6.55
N2 GSH H . 1.95 -24.94 -5.12
CA2 GSH H . 2.72 -25.22 -3.92
C2 GSH H . 2.07 -26.32 -3.10
O2 GSH H . 0.84 -26.35 -2.94
CB2 GSH H . 2.89 -23.93 -3.07
SG2 GSH H . 3.36 -22.47 -4.02
N3 GSH H . 2.93 -27.20 -2.57
CA3 GSH H . 2.50 -28.44 -1.94
C3 GSH H . 3.06 -29.67 -2.61
O31 GSH H . 2.82 -30.80 -2.11
O32 GSH H . 3.76 -29.52 -3.63
#